data_7EN6
#
_entry.id   7EN6
#
_cell.length_a   61.558
_cell.length_b   77.583
_cell.length_c   144.333
_cell.angle_alpha   90.000
_cell.angle_beta   90.000
_cell.angle_gamma   90.000
#
_symmetry.space_group_name_H-M   'P 21 21 21'
#
loop_
_entity.id
_entity.type
_entity.pdbx_description
1 polymer 'HTH-type transcriptional regulator MurR'
2 non-polymer 'PHOSPHATE ION'
3 water water
#
_entity_poly.entity_id   1
_entity_poly.type   'polypeptide(L)'
_entity_poly.pdbx_seq_one_letter_code
;SITSDDSLEVIARKLNREKELALEQTCALLDYARLQKIIEVISKAPFIQITGLGGSALVGRDLSFKLMKIGYRVACEADT
HVQATVSQALKKGDVQIAISYSGSKKEIVLCAEAARKQGATVIAITSLTDSPLRRLAHFTLDTVSGETEWRSSSMSTRTA
QNSVTDLLFVGLVQLNDVESL
;
_entity_poly.pdbx_strand_id   A,B,C,D
#
# COMPACT_ATOMS: atom_id res chain seq x y z
N SER A 4 0.95 23.14 25.18
CA SER A 4 1.82 22.10 25.78
C SER A 4 3.26 22.62 25.86
N ASP A 5 3.52 23.79 26.45
CA ASP A 5 4.94 24.24 26.60
C ASP A 5 5.60 23.51 27.77
N ASP A 6 5.58 22.18 27.74
CA ASP A 6 6.19 21.32 28.78
C ASP A 6 7.50 20.76 28.25
N SER A 7 8.26 20.06 29.08
CA SER A 7 9.47 19.42 28.61
C SER A 7 9.10 18.23 27.72
N LEU A 8 10.09 17.66 27.07
CA LEU A 8 9.81 16.43 26.28
C LEU A 8 9.53 15.32 27.29
N GLU A 9 10.17 15.40 28.45
CA GLU A 9 9.94 14.37 29.47
C GLU A 9 8.52 14.44 30.03
N VAL A 10 7.99 15.66 30.20
CA VAL A 10 6.59 15.79 30.61
C VAL A 10 5.67 15.26 29.53
N ILE A 11 6.01 15.52 28.26
CA ILE A 11 5.16 15.04 27.16
C ILE A 11 5.16 13.52 27.11
N ALA A 12 6.36 12.91 27.22
CA ALA A 12 6.46 11.44 27.17
C ALA A 12 5.60 10.80 28.25
N ARG A 13 5.58 11.37 29.44
CA ARG A 13 4.85 10.73 30.57
C ARG A 13 3.36 10.95 30.40
N LYS A 14 3.00 12.16 29.98
CA LYS A 14 1.59 12.44 29.78
C LYS A 14 0.99 11.55 28.70
N LEU A 15 1.69 11.39 27.58
CA LEU A 15 1.23 10.48 26.53
C LEU A 15 1.15 9.04 27.07
N ASN A 16 2.13 8.61 27.85
CA ASN A 16 2.06 7.27 28.40
C ASN A 16 0.88 7.10 29.35
N ARG A 17 0.58 8.11 30.18
CA ARG A 17 -0.53 7.95 31.11
C ARG A 17 -1.87 7.93 30.36
N GLU A 18 -2.01 8.70 29.29
CA GLU A 18 -3.26 8.61 28.49
C GLU A 18 -3.40 7.20 27.92
N LYS A 19 -2.33 6.67 27.32
CA LYS A 19 -2.36 5.30 26.83
C LYS A 19 -2.72 4.31 27.94
N GLU A 20 -2.09 4.44 29.12
CA GLU A 20 -2.40 3.52 30.20
C GLU A 20 -3.85 3.61 30.60
N LEU A 21 -4.41 4.82 30.64
CA LEU A 21 -5.80 4.98 31.04
C LEU A 21 -6.73 4.36 30.01
N ALA A 22 -6.39 4.51 28.71
CA ALA A 22 -7.18 3.88 27.67
C ALA A 22 -7.18 2.36 27.82
N LEU A 23 -6.02 1.76 28.08
CA LEU A 23 -5.95 0.32 28.30
C LEU A 23 -6.82 -0.10 29.49
N GLU A 24 -6.66 0.57 30.61
CA GLU A 24 -7.41 0.22 31.84
C GLU A 24 -8.91 0.33 31.62
N GLN A 25 -9.35 1.48 31.14
CA GLN A 25 -10.79 1.71 31.00
C GLN A 25 -11.40 0.78 29.95
N THR A 26 -10.67 0.52 28.86
CA THR A 26 -11.16 -0.41 27.84
C THR A 26 -11.18 -1.84 28.37
N CYS A 27 -10.14 -2.24 29.10
CA CYS A 27 -10.11 -3.61 29.60
C CYS A 27 -11.21 -3.85 30.61
N ALA A 28 -11.54 -2.82 31.40
CA ALA A 28 -12.53 -2.97 32.46
C ALA A 28 -13.92 -3.22 31.92
N LEU A 29 -14.20 -2.81 30.68
CA LEU A 29 -15.53 -3.00 30.11
C LEU A 29 -15.72 -4.38 29.47
N LEU A 30 -14.64 -5.14 29.29
CA LEU A 30 -14.74 -6.44 28.65
C LEU A 30 -15.73 -7.35 29.35
N ASP A 31 -16.59 -7.97 28.57
CA ASP A 31 -17.46 -9.07 29.02
C ASP A 31 -16.87 -10.35 28.41
N TYR A 32 -16.27 -11.21 29.25
CA TYR A 32 -15.49 -12.33 28.70
C TYR A 32 -16.40 -13.44 28.17
N ALA A 33 -17.65 -13.50 28.62
CA ALA A 33 -18.63 -14.41 28.03
C ALA A 33 -18.96 -14.02 26.58
N ARG A 34 -19.14 -12.74 26.32
CA ARG A 34 -19.48 -12.35 24.94
C ARG A 34 -18.21 -12.45 24.10
N LEU A 35 -17.07 -12.04 24.62
CA LEU A 35 -15.79 -12.17 23.88
C LEU A 35 -15.59 -13.61 23.41
N GLN A 36 -15.86 -14.60 24.25
CA GLN A 36 -15.69 -15.98 23.80
C GLN A 36 -16.63 -16.29 22.65
N LYS A 37 -17.83 -15.72 22.68
CA LYS A 37 -18.81 -15.99 21.61
C LYS A 37 -18.29 -15.31 20.35
N ILE A 38 -17.74 -14.12 20.53
CA ILE A 38 -17.26 -13.37 19.38
C ILE A 38 -16.08 -14.10 18.72
N ILE A 39 -15.09 -14.49 19.53
CA ILE A 39 -13.98 -15.29 19.04
C ILE A 39 -14.47 -16.51 18.28
N GLU A 40 -15.55 -17.14 18.76
CA GLU A 40 -16.05 -18.33 18.08
C GLU A 40 -16.69 -17.97 16.74
N VAL A 41 -17.39 -16.85 16.68
CA VAL A 41 -17.97 -16.42 15.40
C VAL A 41 -16.88 -16.18 14.39
N ILE A 42 -15.86 -15.40 14.76
CA ILE A 42 -14.76 -15.10 13.87
C ILE A 42 -14.10 -16.37 13.36
N SER A 43 -13.86 -17.32 14.27
CA SER A 43 -13.13 -18.53 13.92
C SER A 43 -13.84 -19.38 12.88
N LYS A 44 -15.16 -19.25 12.76
CA LYS A 44 -15.93 -20.05 11.83
C LYS A 44 -16.23 -19.33 10.52
N ALA A 45 -15.75 -18.12 10.35
CA ALA A 45 -16.05 -17.35 9.15
C ALA A 45 -15.22 -17.87 7.98
N PRO A 46 -15.85 -18.23 6.85
CA PRO A 46 -15.07 -18.54 5.64
C PRO A 46 -14.25 -17.36 5.16
N PHE A 47 -14.74 -16.16 5.42
CA PHE A 47 -14.11 -14.95 4.94
C PHE A 47 -14.36 -13.88 5.97
N ILE A 48 -13.39 -12.99 6.12
CA ILE A 48 -13.42 -11.95 7.13
C ILE A 48 -12.95 -10.66 6.48
N GLN A 49 -13.77 -9.60 6.58
CA GLN A 49 -13.35 -8.27 6.20
C GLN A 49 -13.22 -7.40 7.45
N ILE A 50 -12.16 -6.61 7.53
CA ILE A 50 -11.94 -5.64 8.60
C ILE A 50 -12.00 -4.24 8.00
N THR A 51 -12.98 -3.45 8.43
CA THR A 51 -13.14 -2.10 7.89
C THR A 51 -12.56 -1.06 8.85
N GLY A 52 -12.12 0.06 8.29
CA GLY A 52 -11.59 1.16 9.07
C GLY A 52 -11.32 2.35 8.17
N LEU A 53 -10.93 3.46 8.80
CA LEU A 53 -10.55 4.67 8.05
C LEU A 53 -9.43 5.33 8.83
N GLY A 54 -8.49 5.95 8.13
CA GLY A 54 -7.40 6.64 8.81
C GLY A 54 -6.65 5.69 9.74
N GLY A 55 -6.34 6.17 10.95
CA GLY A 55 -5.56 5.37 11.88
C GLY A 55 -6.20 4.06 12.28
N SER A 56 -7.52 3.98 12.30
CA SER A 56 -8.15 2.71 12.63
C SER A 56 -8.11 1.73 11.45
N ALA A 57 -7.81 2.22 10.24
CA ALA A 57 -7.51 1.30 9.15
C ALA A 57 -6.16 0.62 9.36
N LEU A 58 -5.15 1.38 9.79
CA LEU A 58 -3.85 0.78 10.14
C LEU A 58 -4.02 -0.26 11.24
N VAL A 59 -4.83 0.06 12.27
CA VAL A 59 -5.15 -0.89 13.33
C VAL A 59 -5.74 -2.17 12.73
N GLY A 60 -6.70 -2.02 11.80
CA GLY A 60 -7.26 -3.19 11.13
C GLY A 60 -6.24 -4.00 10.34
N ARG A 61 -5.31 -3.32 9.67
CA ARG A 61 -4.35 -4.07 8.88
C ARG A 61 -3.34 -4.78 9.79
N ASP A 62 -2.98 -4.16 10.90
CA ASP A 62 -2.15 -4.81 11.91
C ASP A 62 -2.77 -6.14 12.34
N LEU A 63 -4.07 -6.14 12.66
CA LEU A 63 -4.75 -7.40 12.94
C LEU A 63 -4.75 -8.32 11.72
N SER A 64 -4.99 -7.73 10.53
CA SER A 64 -5.10 -8.52 9.31
C SER A 64 -3.86 -9.37 9.07
N PHE A 65 -2.69 -8.74 9.16
CA PHE A 65 -1.43 -9.45 8.99
C PHE A 65 -1.37 -10.71 9.87
N LYS A 66 -1.75 -10.58 11.15
CA LYS A 66 -1.61 -11.72 12.05
C LYS A 66 -2.62 -12.82 11.70
N LEU A 67 -3.85 -12.43 11.35
CA LEU A 67 -4.85 -13.42 10.96
C LEU A 67 -4.47 -14.10 9.67
N MET A 68 -3.94 -13.35 8.70
CA MET A 68 -3.51 -13.98 7.45
C MET A 68 -2.48 -15.06 7.75
N LYS A 69 -1.53 -14.76 8.65
CA LYS A 69 -0.41 -15.68 8.85
C LYS A 69 -0.86 -17.01 9.44
N ILE A 70 -1.99 -17.04 10.14
CA ILE A 70 -2.49 -18.29 10.68
C ILE A 70 -3.61 -18.87 9.81
N GLY A 71 -3.79 -18.35 8.60
CA GLY A 71 -4.61 -19.03 7.62
C GLY A 71 -6.01 -18.51 7.40
N TYR A 72 -6.43 -17.44 8.06
CA TYR A 72 -7.74 -16.89 7.79
C TYR A 72 -7.70 -16.09 6.49
N ARG A 73 -8.77 -16.18 5.71
CA ARG A 73 -8.94 -15.37 4.52
C ARG A 73 -9.53 -14.03 4.92
N VAL A 74 -8.78 -12.96 4.66
CA VAL A 74 -9.03 -11.66 5.26
C VAL A 74 -8.78 -10.59 4.24
N ALA A 75 -9.74 -9.69 4.06
CA ALA A 75 -9.55 -8.49 3.26
C ALA A 75 -9.57 -7.29 4.19
N CYS A 76 -8.62 -6.37 3.99
CA CYS A 76 -8.54 -5.17 4.80
C CYS A 76 -7.86 -4.15 3.90
N GLU A 77 -8.68 -3.37 3.25
CA GLU A 77 -8.17 -2.40 2.27
C GLU A 77 -8.34 -0.99 2.82
N ALA A 78 -7.28 -0.23 2.74
CA ALA A 78 -7.27 1.14 3.23
C ALA A 78 -7.90 2.13 2.27
N ASP A 79 -8.26 1.71 1.06
CA ASP A 79 -8.95 2.58 0.12
C ASP A 79 -10.44 2.34 0.23
N THR A 80 -11.20 3.43 0.36
CA THR A 80 -12.58 3.30 0.81
C THR A 80 -13.47 2.69 -0.26
N HIS A 81 -13.24 3.04 -1.54
CA HIS A 81 -14.07 2.45 -2.58
C HIS A 81 -13.76 0.97 -2.75
N VAL A 82 -12.50 0.58 -2.57
CA VAL A 82 -12.18 -0.85 -2.56
C VAL A 82 -12.89 -1.51 -1.38
N GLN A 83 -12.73 -0.93 -0.20
CA GLN A 83 -13.38 -1.42 1.01
C GLN A 83 -14.89 -1.55 0.81
N ALA A 84 -15.50 -0.55 0.15
CA ALA A 84 -16.95 -0.57 -0.06
C ALA A 84 -17.36 -1.74 -0.96
N THR A 85 -16.66 -1.93 -2.10
CA THR A 85 -17.09 -3.02 -2.97
C THR A 85 -16.76 -4.38 -2.38
N VAL A 86 -15.80 -4.46 -1.46
CA VAL A 86 -15.57 -5.72 -0.77
C VAL A 86 -16.75 -6.05 0.17
N SER A 87 -17.42 -5.04 0.72
CA SER A 87 -18.61 -5.32 1.53
C SER A 87 -19.78 -5.83 0.69
N GLN A 88 -19.93 -5.33 -0.54
CA GLN A 88 -21.05 -5.75 -1.37
C GLN A 88 -20.98 -7.23 -1.70
N ALA A 89 -19.79 -7.80 -1.71
CA ALA A 89 -19.61 -9.20 -2.06
C ALA A 89 -19.64 -10.15 -0.87
N LEU A 90 -19.89 -9.65 0.34
CA LEU A 90 -19.91 -10.56 1.49
C LEU A 90 -21.08 -11.53 1.37
N LYS A 91 -20.99 -12.62 2.11
CA LYS A 91 -21.95 -13.72 2.02
C LYS A 91 -22.39 -14.14 3.41
N LYS A 92 -23.54 -14.79 3.45
CA LYS A 92 -24.07 -15.37 4.69
C LYS A 92 -23.03 -16.24 5.36
N GLY A 93 -22.67 -15.90 6.58
CA GLY A 93 -21.67 -16.63 7.33
C GLY A 93 -20.33 -15.94 7.41
N ASP A 94 -20.05 -15.00 6.51
CA ASP A 94 -18.84 -14.21 6.63
C ASP A 94 -18.92 -13.35 7.88
N VAL A 95 -17.86 -12.58 8.11
CA VAL A 95 -17.74 -11.73 9.29
C VAL A 95 -17.07 -10.43 8.88
N GLN A 96 -17.64 -9.31 9.32
CA GLN A 96 -17.03 -8.00 9.16
C GLN A 96 -16.65 -7.44 10.53
N ILE A 97 -15.38 -7.07 10.68
CA ILE A 97 -14.91 -6.43 11.91
C ILE A 97 -14.76 -4.94 11.62
N ALA A 98 -15.63 -4.11 12.19
CA ALA A 98 -15.63 -2.69 11.87
C ALA A 98 -15.02 -1.91 13.04
N ILE A 99 -13.94 -1.18 12.76
CA ILE A 99 -13.18 -0.48 13.78
C ILE A 99 -13.34 1.00 13.54
N SER A 100 -14.02 1.69 14.46
CA SER A 100 -14.25 3.13 14.35
C SER A 100 -14.68 3.67 15.70
N TYR A 101 -13.95 4.65 16.24
CA TYR A 101 -14.31 5.15 17.56
C TYR A 101 -15.66 5.84 17.55
N SER A 102 -15.87 6.75 16.60
CA SER A 102 -17.14 7.54 16.48
C SER A 102 -18.35 6.63 16.35
N GLY A 103 -18.26 5.64 15.48
CA GLY A 103 -19.42 4.82 15.21
C GLY A 103 -20.37 5.38 14.18
N SER A 104 -20.14 6.62 13.71
CA SER A 104 -21.05 7.31 12.82
C SER A 104 -20.39 7.81 11.52
N LYS A 105 -19.17 7.37 11.22
CA LYS A 105 -18.52 7.73 9.93
C LYS A 105 -19.26 7.06 8.79
N LYS A 106 -19.76 7.85 7.84
CA LYS A 106 -20.61 7.33 6.78
C LYS A 106 -20.04 6.08 6.10
N GLU A 107 -18.73 6.09 5.78
CA GLU A 107 -18.18 4.96 5.04
C GLU A 107 -18.23 3.66 5.84
N ILE A 108 -17.90 3.73 7.13
CA ILE A 108 -17.96 2.51 7.95
C ILE A 108 -19.40 2.08 8.13
N VAL A 109 -20.29 3.04 8.35
CA VAL A 109 -21.70 2.70 8.51
C VAL A 109 -22.22 2.05 7.24
N LEU A 110 -21.87 2.59 6.06
CA LEU A 110 -22.35 2.00 4.82
C LEU A 110 -21.86 0.54 4.64
N CYS A 111 -20.59 0.25 4.96
CA CYS A 111 -20.10 -1.12 4.85
C CYS A 111 -20.78 -2.08 5.83
N ALA A 112 -21.10 -1.62 7.05
CA ALA A 112 -21.78 -2.49 8.00
C ALA A 112 -23.22 -2.79 7.57
N GLU A 113 -23.89 -1.81 6.97
CA GLU A 113 -25.22 -2.05 6.40
C GLU A 113 -25.17 -3.09 5.30
N ALA A 114 -24.25 -2.92 4.34
CA ALA A 114 -24.05 -3.91 3.29
C ALA A 114 -23.79 -5.29 3.88
N ALA A 115 -22.89 -5.39 4.86
CA ALA A 115 -22.56 -6.67 5.46
C ALA A 115 -23.81 -7.34 6.03
N ARG A 116 -24.58 -6.60 6.83
CA ARG A 116 -25.81 -7.14 7.39
C ARG A 116 -26.83 -7.44 6.30
N LYS A 117 -26.94 -6.52 5.32
CA LYS A 117 -27.78 -6.77 4.17
C LYS A 117 -27.39 -8.07 3.47
N GLN A 118 -26.10 -8.23 3.17
CA GLN A 118 -25.59 -9.43 2.51
C GLN A 118 -25.66 -10.66 3.39
N GLY A 119 -26.07 -10.54 4.66
CA GLY A 119 -26.20 -11.69 5.51
C GLY A 119 -25.02 -12.02 6.41
N ALA A 120 -23.98 -11.18 6.43
CA ALA A 120 -22.79 -11.43 7.23
C ALA A 120 -22.99 -10.96 8.67
N THR A 121 -22.08 -11.40 9.55
CA THR A 121 -22.08 -10.96 10.94
C THR A 121 -21.19 -9.73 11.09
N VAL A 122 -21.70 -8.73 11.81
CA VAL A 122 -20.96 -7.48 12.02
C VAL A 122 -20.52 -7.44 13.47
N ILE A 123 -19.22 -7.26 13.66
CA ILE A 123 -18.64 -7.09 14.98
C ILE A 123 -18.01 -5.70 14.99
N ALA A 124 -18.52 -4.82 15.84
CA ALA A 124 -18.01 -3.45 15.93
C ALA A 124 -17.04 -3.32 17.09
N ILE A 125 -16.04 -2.48 16.90
CA ILE A 125 -15.07 -2.14 17.93
C ILE A 125 -15.11 -0.62 18.01
N THR A 126 -15.86 -0.09 18.98
CA THR A 126 -16.30 1.28 18.88
C THR A 126 -16.52 1.85 20.29
N SER A 127 -16.64 3.17 20.36
CA SER A 127 -16.84 3.83 21.64
C SER A 127 -18.22 3.52 22.20
N LEU A 128 -18.43 3.92 23.46
CA LEU A 128 -19.65 3.55 24.19
C LEU A 128 -20.91 4.23 23.68
N THR A 129 -20.79 5.38 23.03
CA THR A 129 -21.96 6.18 22.67
C THR A 129 -22.95 5.39 21.81
N ASP A 130 -24.22 5.76 21.90
CA ASP A 130 -25.24 5.19 21.03
C ASP A 130 -25.00 5.69 19.61
N SER A 131 -24.64 4.79 18.71
CA SER A 131 -24.13 5.16 17.40
C SER A 131 -24.74 4.26 16.34
N PRO A 132 -24.76 4.71 15.07
CA PRO A 132 -25.15 3.83 13.97
C PRO A 132 -24.40 2.50 13.93
N LEU A 133 -23.08 2.52 14.10
CA LEU A 133 -22.31 1.28 14.02
C LEU A 133 -22.71 0.32 15.13
N ARG A 134 -22.95 0.85 16.34
CA ARG A 134 -23.32 -0.01 17.46
C ARG A 134 -24.71 -0.59 17.27
N ARG A 135 -25.66 0.22 16.78
CA ARG A 135 -26.98 -0.32 16.49
C ARG A 135 -26.95 -1.35 15.36
N LEU A 136 -26.01 -1.26 14.43
CA LEU A 136 -25.98 -2.18 13.30
C LEU A 136 -25.23 -3.49 13.59
N ALA A 137 -24.29 -3.47 14.54
CA ALA A 137 -23.49 -4.65 14.88
C ALA A 137 -24.33 -5.75 15.50
N HIS A 138 -23.96 -7.00 15.21
CA HIS A 138 -24.46 -8.12 15.99
C HIS A 138 -23.77 -8.22 17.34
N PHE A 139 -22.51 -7.83 17.42
CA PHE A 139 -21.73 -7.82 18.64
C PHE A 139 -20.86 -6.59 18.65
N THR A 140 -20.70 -5.98 19.82
CA THR A 140 -19.84 -4.81 19.94
C THR A 140 -18.84 -5.01 21.08
N LEU A 141 -17.60 -4.61 20.84
CA LEU A 141 -16.57 -4.52 21.85
C LEU A 141 -16.22 -3.05 22.05
N ASP A 142 -16.17 -2.62 23.30
CA ASP A 142 -16.03 -1.19 23.60
C ASP A 142 -14.56 -0.78 23.60
N THR A 143 -14.32 0.45 23.18
CA THR A 143 -13.01 1.09 23.30
C THR A 143 -13.24 2.43 23.94
N VAL A 144 -12.46 2.74 24.97
CA VAL A 144 -12.58 4.00 25.70
C VAL A 144 -11.22 4.69 25.62
N SER A 145 -11.22 5.94 25.20
CA SER A 145 -9.97 6.67 25.05
C SER A 145 -9.49 7.18 26.40
N GLY A 146 -8.31 7.79 26.40
CA GLY A 146 -7.73 8.35 27.63
C GLY A 146 -7.56 9.85 27.54
N GLU A 147 -8.20 10.48 26.56
CA GLU A 147 -8.14 11.97 26.51
C GLU A 147 -9.39 12.53 27.19
N SER A 154 -6.74 10.27 20.70
CA SER A 154 -6.26 10.15 19.30
C SER A 154 -5.16 9.10 19.26
N MET A 155 -4.06 9.33 19.97
CA MET A 155 -3.00 8.31 20.05
C MET A 155 -3.45 7.22 21.03
N SER A 156 -4.16 7.59 22.10
CA SER A 156 -4.66 6.60 23.04
C SER A 156 -5.83 5.81 22.48
N THR A 157 -6.55 6.40 21.52
CA THR A 157 -7.64 5.68 20.86
C THR A 157 -7.13 4.47 20.09
N ARG A 158 -6.12 4.67 19.24
CA ARG A 158 -5.38 3.58 18.60
C ARG A 158 -4.94 2.52 19.62
N THR A 159 -4.25 2.95 20.67
CA THR A 159 -3.85 2.04 21.75
C THR A 159 -5.04 1.24 22.28
N ALA A 160 -6.17 1.90 22.52
CA ALA A 160 -7.37 1.21 22.98
C ALA A 160 -7.86 0.21 21.95
N GLN A 161 -7.90 0.60 20.67
CA GLN A 161 -8.36 -0.33 19.64
C GLN A 161 -7.43 -1.53 19.52
N ASN A 162 -6.11 -1.29 19.53
CA ASN A 162 -5.17 -2.40 19.42
C ASN A 162 -5.32 -3.38 20.57
N SER A 163 -5.73 -2.91 21.74
CA SER A 163 -5.82 -3.84 22.86
C SER A 163 -6.98 -4.80 22.67
N VAL A 164 -8.02 -4.36 21.99
CA VAL A 164 -9.13 -5.27 21.69
C VAL A 164 -8.73 -6.22 20.59
N THR A 165 -8.11 -5.70 19.51
CA THR A 165 -7.73 -6.57 18.40
C THR A 165 -6.67 -7.58 18.82
N ASP A 166 -5.65 -7.13 19.55
CA ASP A 166 -4.63 -8.04 20.06
C ASP A 166 -5.26 -9.17 20.89
N LEU A 167 -6.29 -8.85 21.66
CA LEU A 167 -6.97 -9.87 22.47
C LEU A 167 -7.74 -10.84 21.59
N LEU A 168 -8.46 -10.33 20.59
CA LEU A 168 -9.12 -11.22 19.62
C LEU A 168 -8.12 -12.15 18.94
N PHE A 169 -6.97 -11.61 18.53
CA PHE A 169 -5.94 -12.44 17.91
C PHE A 169 -5.50 -13.56 18.85
N VAL A 170 -5.18 -13.22 20.10
CA VAL A 170 -4.68 -14.24 21.01
C VAL A 170 -5.79 -15.24 21.33
N GLY A 171 -7.00 -14.75 21.53
CA GLY A 171 -8.12 -15.66 21.73
C GLY A 171 -8.25 -16.67 20.61
N LEU A 172 -8.08 -16.22 19.36
CA LEU A 172 -8.27 -17.12 18.23
C LEU A 172 -7.18 -18.18 18.18
N VAL A 173 -5.92 -17.77 18.37
CA VAL A 173 -4.83 -18.74 18.42
C VAL A 173 -5.06 -19.77 19.51
N GLN A 174 -5.49 -19.31 20.70
CA GLN A 174 -5.78 -20.25 21.79
C GLN A 174 -6.94 -21.16 21.41
N LEU A 175 -7.90 -20.65 20.64
CA LEU A 175 -9.07 -21.46 20.29
C LEU A 175 -8.67 -22.69 19.50
N ASN A 176 -7.67 -22.56 18.65
CA ASN A 176 -7.24 -23.68 17.78
C ASN A 176 -6.28 -24.58 18.54
N ASP A 177 -5.32 -24.01 19.25
CA ASP A 177 -4.47 -24.88 20.07
C ASP A 177 -5.24 -25.60 21.16
N VAL A 178 -6.45 -25.15 21.49
CA VAL A 178 -7.27 -25.88 22.47
C VAL A 178 -7.93 -27.07 21.81
N GLU A 179 -8.31 -26.91 20.54
CA GLU A 179 -8.99 -28.01 19.78
C GLU A 179 -7.96 -28.74 18.93
N SER A 180 -6.71 -28.73 19.35
CA SER A 180 -5.63 -29.44 18.63
C SER A 180 -5.18 -30.64 19.48
N SER B 1 17.35 0.46 -28.72
CA SER B 1 16.36 1.05 -29.67
C SER B 1 16.23 2.55 -29.43
N ILE B 2 15.70 2.97 -28.29
CA ILE B 2 15.67 4.39 -27.95
C ILE B 2 17.07 4.85 -27.55
N THR B 3 17.57 5.88 -28.22
CA THR B 3 18.93 6.34 -28.01
C THR B 3 18.94 7.82 -27.64
N SER B 4 20.08 8.28 -27.12
CA SER B 4 20.30 9.69 -26.86
C SER B 4 20.27 10.57 -28.12
N ASP B 5 20.25 9.99 -29.32
CA ASP B 5 20.12 10.78 -30.55
C ASP B 5 18.70 11.24 -30.82
N ASP B 6 17.71 10.66 -30.15
CA ASP B 6 16.34 10.78 -30.57
C ASP B 6 15.71 12.10 -30.12
N SER B 7 14.86 12.66 -30.98
CA SER B 7 14.00 13.76 -30.60
C SER B 7 12.88 13.27 -29.70
N LEU B 8 12.20 14.22 -29.05
CA LEU B 8 11.08 13.83 -28.20
C LEU B 8 10.02 13.07 -29.00
N GLU B 9 9.80 13.51 -30.26
CA GLU B 9 8.81 12.84 -31.10
C GLU B 9 9.25 11.42 -31.45
N VAL B 10 10.52 11.25 -31.82
CA VAL B 10 10.99 9.90 -32.10
C VAL B 10 10.86 9.02 -30.87
N ILE B 11 11.16 9.58 -29.70
CA ILE B 11 10.96 8.83 -28.45
C ILE B 11 9.48 8.42 -28.30
N ALA B 12 8.58 9.40 -28.48
CA ALA B 12 7.14 9.13 -28.40
C ALA B 12 6.74 8.03 -29.37
N ARG B 13 7.20 8.13 -30.61
CA ARG B 13 6.85 7.11 -31.60
C ARG B 13 7.52 5.79 -31.29
N LYS B 14 8.78 5.81 -30.87
CA LYS B 14 9.44 4.56 -30.48
C LYS B 14 8.69 3.87 -29.35
N LEU B 15 8.31 4.62 -28.31
CA LEU B 15 7.61 4.02 -27.17
C LEU B 15 6.35 3.30 -27.64
N ASN B 16 5.54 3.98 -28.46
CA ASN B 16 4.30 3.38 -28.94
C ASN B 16 4.57 2.14 -29.77
N ARG B 17 5.65 2.13 -30.53
CA ARG B 17 5.97 0.94 -31.34
C ARG B 17 6.35 -0.23 -30.42
N GLU B 18 7.12 0.06 -29.37
CA GLU B 18 7.48 -1.00 -28.44
C GLU B 18 6.24 -1.60 -27.79
N LYS B 19 5.26 -0.77 -27.46
CA LYS B 19 4.08 -1.31 -26.82
C LYS B 19 3.24 -2.09 -27.82
N GLU B 20 3.13 -1.55 -29.05
CA GLU B 20 2.38 -2.25 -30.09
C GLU B 20 2.99 -3.61 -30.38
N LEU B 21 4.33 -3.66 -30.50
CA LEU B 21 5.00 -4.95 -30.63
C LEU B 21 4.73 -5.83 -29.41
N ALA B 22 4.81 -5.25 -28.21
CA ALA B 22 4.61 -6.07 -27.02
C ALA B 22 3.20 -6.65 -27.00
N LEU B 23 2.20 -5.86 -27.44
CA LEU B 23 0.82 -6.34 -27.48
C LEU B 23 0.63 -7.43 -28.52
N GLU B 24 1.17 -7.22 -29.74
CA GLU B 24 0.95 -8.15 -30.84
C GLU B 24 1.63 -9.50 -30.58
N GLN B 25 2.90 -9.47 -30.17
CA GLN B 25 3.64 -10.71 -29.95
C GLN B 25 3.06 -11.50 -28.78
N THR B 26 2.73 -10.81 -27.69
CA THR B 26 2.05 -11.46 -26.58
C THR B 26 0.76 -12.12 -27.07
N CYS B 27 -0.05 -11.37 -27.80
CA CYS B 27 -1.27 -11.91 -28.35
C CYS B 27 -1.00 -13.13 -29.22
N ALA B 28 0.03 -13.06 -30.07
CA ALA B 28 0.31 -14.16 -30.99
C ALA B 28 0.67 -15.45 -30.26
N LEU B 29 1.23 -15.34 -29.06
CA LEU B 29 1.63 -16.52 -28.32
C LEU B 29 0.48 -17.23 -27.62
N LEU B 30 -0.70 -16.62 -27.59
CA LEU B 30 -1.81 -17.15 -26.80
C LEU B 30 -2.31 -18.48 -27.33
N ASP B 31 -2.40 -19.46 -26.45
CA ASP B 31 -3.17 -20.68 -26.69
C ASP B 31 -4.57 -20.45 -26.15
N TYR B 32 -5.52 -20.25 -27.06
CA TYR B 32 -6.86 -19.89 -26.62
C TYR B 32 -7.58 -21.06 -25.96
N ALA B 33 -7.20 -22.30 -26.27
CA ALA B 33 -7.74 -23.43 -25.52
C ALA B 33 -7.20 -23.45 -24.09
N ARG B 34 -5.92 -23.12 -23.92
CA ARG B 34 -5.33 -23.07 -22.59
C ARG B 34 -5.79 -21.83 -21.84
N LEU B 35 -6.04 -20.74 -22.55
CA LEU B 35 -6.57 -19.52 -21.90
C LEU B 35 -7.93 -19.84 -21.29
N GLN B 36 -8.73 -20.66 -21.97
CA GLN B 36 -10.07 -20.90 -21.48
C GLN B 36 -10.05 -21.69 -20.16
N LYS B 37 -9.27 -22.77 -20.12
CA LYS B 37 -9.17 -23.56 -18.91
C LYS B 37 -8.65 -22.72 -17.75
N ILE B 38 -7.72 -21.78 -18.02
CA ILE B 38 -7.22 -20.91 -16.98
C ILE B 38 -8.37 -20.08 -16.41
N ILE B 39 -9.18 -19.49 -17.29
CA ILE B 39 -10.33 -18.71 -16.83
C ILE B 39 -11.29 -19.56 -16.02
N GLU B 40 -11.54 -20.79 -16.48
CA GLU B 40 -12.32 -21.73 -15.69
C GLU B 40 -11.69 -21.95 -14.32
N VAL B 41 -10.37 -22.08 -14.26
CA VAL B 41 -9.71 -22.32 -12.97
C VAL B 41 -9.88 -21.12 -12.05
N ILE B 42 -9.59 -19.92 -12.57
CA ILE B 42 -9.74 -18.71 -11.77
C ILE B 42 -11.19 -18.57 -11.28
N SER B 43 -12.15 -18.92 -12.14
CA SER B 43 -13.55 -18.68 -11.82
C SER B 43 -14.05 -19.54 -10.67
N LYS B 44 -13.44 -20.70 -10.43
CA LYS B 44 -13.84 -21.56 -9.33
C LYS B 44 -12.93 -21.39 -8.12
N ALA B 45 -12.09 -20.36 -8.12
CA ALA B 45 -11.14 -20.17 -7.04
C ALA B 45 -11.85 -19.61 -5.82
N PRO B 46 -11.87 -20.32 -4.69
CA PRO B 46 -12.43 -19.70 -3.47
C PRO B 46 -11.70 -18.44 -3.09
N PHE B 47 -10.40 -18.43 -3.31
CA PHE B 47 -9.52 -17.38 -2.84
C PHE B 47 -8.44 -17.22 -3.89
N ILE B 48 -8.04 -15.98 -4.17
CA ILE B 48 -7.04 -15.69 -5.20
C ILE B 48 -5.98 -14.78 -4.60
N GLN B 49 -4.72 -15.20 -4.66
CA GLN B 49 -3.62 -14.30 -4.33
C GLN B 49 -2.92 -13.89 -5.61
N ILE B 50 -2.63 -12.60 -5.72
CA ILE B 50 -1.96 -12.05 -6.87
C ILE B 50 -0.66 -11.44 -6.37
N THR B 51 0.46 -12.00 -6.81
CA THR B 51 1.79 -11.57 -6.37
C THR B 51 2.49 -10.78 -7.47
N GLY B 52 3.40 -9.91 -7.04
CA GLY B 52 4.17 -9.09 -7.95
C GLY B 52 5.16 -8.26 -7.14
N LEU B 53 5.92 -7.44 -7.84
CA LEU B 53 6.86 -6.53 -7.17
C LEU B 53 7.00 -5.28 -8.01
N GLY B 54 7.10 -4.12 -7.38
CA GLY B 54 7.35 -2.87 -8.07
C GLY B 54 6.22 -2.58 -9.02
N GLY B 55 6.58 -2.21 -10.26
CA GLY B 55 5.57 -1.82 -11.22
C GLY B 55 4.61 -2.93 -11.56
N SER B 56 5.08 -4.19 -11.56
CA SER B 56 4.19 -5.30 -11.90
C SER B 56 3.19 -5.56 -10.78
N ALA B 57 3.51 -5.15 -9.56
CA ALA B 57 2.51 -5.27 -8.52
C ALA B 57 1.33 -4.36 -8.79
N LEU B 58 1.58 -3.18 -9.38
CA LEU B 58 0.48 -2.29 -9.78
C LEU B 58 -0.42 -2.96 -10.80
N VAL B 59 0.16 -3.73 -11.72
CA VAL B 59 -0.65 -4.49 -12.66
C VAL B 59 -1.53 -5.49 -11.91
N GLY B 60 -0.93 -6.22 -10.95
CA GLY B 60 -1.71 -7.18 -10.18
C GLY B 60 -2.83 -6.53 -9.39
N ARG B 61 -2.57 -5.36 -8.84
CA ARG B 61 -3.60 -4.73 -8.01
C ARG B 61 -4.71 -4.15 -8.87
N ASP B 62 -4.34 -3.60 -10.04
CA ASP B 62 -5.32 -3.25 -11.07
C ASP B 62 -6.28 -4.41 -11.32
N LEU B 63 -5.75 -5.62 -11.48
CA LEU B 63 -6.60 -6.78 -11.68
C LEU B 63 -7.33 -7.18 -10.41
N SER B 64 -6.70 -7.02 -9.24
CA SER B 64 -7.37 -7.39 -7.99
C SER B 64 -8.58 -6.52 -7.74
N PHE B 65 -8.48 -5.21 -8.01
CA PHE B 65 -9.63 -4.34 -7.83
C PHE B 65 -10.78 -4.78 -8.72
N LYS B 66 -10.48 -5.20 -9.96
CA LYS B 66 -11.52 -5.62 -10.89
C LYS B 66 -12.15 -6.94 -10.47
N LEU B 67 -11.36 -7.87 -9.95
CA LEU B 67 -11.94 -9.13 -9.49
C LEU B 67 -12.77 -8.95 -8.22
N MET B 68 -12.31 -8.11 -7.29
CA MET B 68 -13.11 -7.82 -6.10
C MET B 68 -14.43 -7.18 -6.48
N LYS B 69 -14.37 -6.27 -7.47
CA LYS B 69 -15.53 -5.58 -8.04
C LYS B 69 -16.60 -6.53 -8.55
N ILE B 70 -16.29 -7.83 -8.68
CA ILE B 70 -17.30 -8.78 -9.13
C ILE B 70 -17.36 -10.00 -8.21
N GLY B 71 -17.00 -9.83 -6.93
CA GLY B 71 -17.29 -10.83 -5.92
C GLY B 71 -16.23 -11.89 -5.66
N TYR B 72 -15.03 -11.74 -6.20
CA TYR B 72 -13.97 -12.71 -5.92
C TYR B 72 -13.21 -12.32 -4.65
N ARG B 73 -12.81 -13.31 -3.89
CA ARG B 73 -12.00 -13.09 -2.69
C ARG B 73 -10.53 -13.04 -3.11
N VAL B 74 -9.91 -11.85 -3.06
CA VAL B 74 -8.61 -11.60 -3.67
C VAL B 74 -7.66 -10.93 -2.66
N ALA B 75 -6.46 -11.47 -2.55
CA ALA B 75 -5.38 -10.89 -1.77
C ALA B 75 -4.27 -10.43 -2.72
N CYS B 76 -3.80 -9.20 -2.51
CA CYS B 76 -2.77 -8.63 -3.36
C CYS B 76 -2.04 -7.59 -2.54
N GLU B 77 -0.77 -7.82 -2.26
CA GLU B 77 -0.16 -7.23 -1.08
C GLU B 77 1.26 -6.80 -1.41
N ALA B 78 1.59 -5.54 -1.12
CA ALA B 78 2.86 -4.95 -1.52
C ALA B 78 4.00 -5.37 -0.61
N ASP B 79 3.77 -5.30 0.71
CA ASP B 79 4.77 -5.73 1.68
C ASP B 79 5.17 -7.17 1.41
N THR B 80 6.46 -7.39 1.14
CA THR B 80 6.84 -8.72 0.69
C THR B 80 6.82 -9.71 1.85
N HIS B 81 7.10 -9.24 3.06
CA HIS B 81 6.90 -10.10 4.22
C HIS B 81 5.45 -10.55 4.31
N VAL B 82 4.50 -9.63 4.15
CA VAL B 82 3.09 -9.99 4.26
C VAL B 82 2.68 -10.87 3.09
N GLN B 83 3.11 -10.51 1.88
CA GLN B 83 2.83 -11.34 0.71
C GLN B 83 3.31 -12.77 0.92
N ALA B 84 4.51 -12.93 1.46
CA ALA B 84 5.03 -14.28 1.68
C ALA B 84 4.18 -15.05 2.70
N THR B 85 3.77 -14.40 3.80
CA THR B 85 2.95 -15.10 4.79
C THR B 85 1.59 -15.49 4.21
N VAL B 86 1.04 -14.68 3.33
CA VAL B 86 -0.21 -15.09 2.66
C VAL B 86 0.03 -16.35 1.85
N SER B 87 1.14 -16.39 1.11
CA SER B 87 1.45 -17.58 0.32
C SER B 87 1.60 -18.81 1.19
N GLN B 88 2.29 -18.67 2.32
CA GLN B 88 2.59 -19.83 3.20
C GLN B 88 1.32 -20.33 3.87
N ALA B 89 0.21 -19.63 3.68
CA ALA B 89 -1.05 -20.00 4.31
C ALA B 89 -2.16 -20.29 3.31
N LEU B 90 -1.84 -20.33 2.00
CA LEU B 90 -2.81 -20.72 0.99
C LEU B 90 -3.23 -22.18 1.18
N LYS B 91 -4.35 -22.54 0.56
CA LYS B 91 -4.91 -23.87 0.69
C LYS B 91 -5.14 -24.48 -0.68
N LYS B 92 -5.23 -25.82 -0.69
CA LYS B 92 -5.63 -26.54 -1.88
C LYS B 92 -6.90 -25.92 -2.46
N GLY B 93 -6.91 -25.77 -3.78
CA GLY B 93 -8.01 -25.15 -4.46
C GLY B 93 -7.86 -23.65 -4.66
N ASP B 94 -7.05 -22.99 -3.84
CA ASP B 94 -6.76 -21.57 -4.04
C ASP B 94 -5.95 -21.39 -5.33
N VAL B 95 -5.92 -20.16 -5.81
CA VAL B 95 -5.24 -19.81 -7.04
C VAL B 95 -4.28 -18.67 -6.76
N GLN B 96 -3.04 -18.82 -7.21
CA GLN B 96 -2.06 -17.75 -7.18
C GLN B 96 -1.76 -17.31 -8.60
N ILE B 97 -1.82 -16.00 -8.84
CA ILE B 97 -1.49 -15.46 -10.15
C ILE B 97 -0.20 -14.67 -9.99
N ALA B 98 0.88 -15.17 -10.56
CA ALA B 98 2.21 -14.61 -10.34
C ALA B 98 2.59 -13.76 -11.54
N ILE B 99 2.71 -12.45 -11.34
CA ILE B 99 3.05 -11.52 -12.39
C ILE B 99 4.51 -11.15 -12.20
N SER B 100 5.38 -11.66 -13.09
CA SER B 100 6.80 -11.32 -13.05
C SER B 100 7.43 -11.61 -14.42
N TYR B 101 7.95 -10.59 -15.09
CA TYR B 101 8.57 -10.81 -16.39
C TYR B 101 9.71 -11.83 -16.29
N SER B 102 10.68 -11.55 -15.41
CA SER B 102 11.90 -12.34 -15.35
C SER B 102 11.64 -13.78 -14.95
N GLY B 103 10.82 -14.01 -13.93
CA GLY B 103 10.61 -15.35 -13.42
C GLY B 103 11.73 -15.83 -12.51
N SER B 104 12.67 -14.96 -12.18
CA SER B 104 13.80 -15.27 -11.34
C SER B 104 13.96 -14.23 -10.23
N LYS B 105 12.91 -13.46 -9.91
CA LYS B 105 12.96 -12.63 -8.72
C LYS B 105 12.56 -13.50 -7.52
N LYS B 106 13.49 -13.67 -6.59
CA LYS B 106 13.33 -14.62 -5.47
C LYS B 106 12.01 -14.53 -4.72
N GLU B 107 11.58 -13.33 -4.36
CA GLU B 107 10.40 -13.21 -3.53
C GLU B 107 9.21 -13.77 -4.25
N ILE B 108 9.15 -13.55 -5.56
CA ILE B 108 8.03 -14.07 -6.33
C ILE B 108 8.14 -15.58 -6.47
N VAL B 109 9.36 -16.07 -6.74
CA VAL B 109 9.56 -17.51 -6.85
C VAL B 109 9.29 -18.19 -5.50
N LEU B 110 9.74 -17.59 -4.40
CA LEU B 110 9.46 -18.17 -3.08
C LEU B 110 7.96 -18.27 -2.80
N CYS B 111 7.19 -17.24 -3.15
CA CYS B 111 5.73 -17.27 -2.97
C CYS B 111 5.05 -18.35 -3.79
N ALA B 112 5.54 -18.60 -5.01
CA ALA B 112 4.99 -19.65 -5.88
C ALA B 112 5.32 -21.03 -5.35
N GLU B 113 6.53 -21.19 -4.81
CA GLU B 113 6.90 -22.45 -4.17
C GLU B 113 6.04 -22.69 -2.95
N ALA B 114 5.79 -21.64 -2.16
CA ALA B 114 4.95 -21.80 -0.99
C ALA B 114 3.53 -22.20 -1.38
N ALA B 115 3.02 -21.62 -2.47
CA ALA B 115 1.68 -21.97 -2.96
C ALA B 115 1.61 -23.43 -3.34
N ARG B 116 2.64 -23.92 -4.06
CA ARG B 116 2.69 -25.33 -4.46
C ARG B 116 2.78 -26.26 -3.25
N LYS B 117 3.69 -25.97 -2.31
CA LYS B 117 3.79 -26.77 -1.08
C LYS B 117 2.43 -26.92 -0.41
N GLN B 118 1.67 -25.84 -0.35
CA GLN B 118 0.31 -25.84 0.17
C GLN B 118 -0.71 -26.41 -0.82
N GLY B 119 -0.31 -26.76 -2.05
CA GLY B 119 -1.27 -27.34 -2.97
C GLY B 119 -2.18 -26.36 -3.69
N ALA B 120 -1.85 -25.07 -3.71
CA ALA B 120 -2.58 -24.12 -4.52
C ALA B 120 -2.16 -24.24 -5.99
N THR B 121 -3.02 -23.74 -6.88
CA THR B 121 -2.76 -23.71 -8.32
C THR B 121 -2.05 -22.40 -8.68
N VAL B 122 -0.99 -22.51 -9.46
CA VAL B 122 -0.13 -21.36 -9.76
C VAL B 122 -0.27 -21.02 -11.24
N ILE B 123 -0.65 -19.77 -11.52
CA ILE B 123 -0.67 -19.22 -12.86
C ILE B 123 0.42 -18.17 -12.94
N ALA B 124 1.35 -18.34 -13.86
CA ALA B 124 2.45 -17.39 -14.03
C ALA B 124 2.20 -16.56 -15.28
N ILE B 125 2.23 -15.24 -15.13
CA ILE B 125 2.26 -14.30 -16.23
C ILE B 125 3.71 -13.83 -16.33
N THR B 126 4.44 -14.38 -17.29
CA THR B 126 5.89 -14.23 -17.29
C THR B 126 6.44 -14.37 -18.70
N SER B 127 7.71 -14.01 -18.84
CA SER B 127 8.36 -14.03 -20.15
C SER B 127 8.65 -15.47 -20.57
N LEU B 128 9.00 -15.59 -21.85
CA LEU B 128 9.19 -16.88 -22.53
C LEU B 128 10.39 -17.65 -22.01
N THR B 129 11.36 -16.97 -21.42
CA THR B 129 12.54 -17.65 -20.91
C THR B 129 12.16 -18.68 -19.86
N ASP B 130 12.82 -19.83 -19.92
CA ASP B 130 12.67 -20.87 -18.91
C ASP B 130 13.25 -20.37 -17.60
N SER B 131 12.45 -20.39 -16.56
CA SER B 131 12.74 -19.70 -15.32
C SER B 131 12.21 -20.55 -14.19
N PRO B 132 12.72 -20.35 -12.97
CA PRO B 132 12.13 -21.06 -11.81
C PRO B 132 10.64 -20.84 -11.69
N LEU B 133 10.17 -19.63 -11.95
CA LEU B 133 8.74 -19.36 -11.82
C LEU B 133 7.94 -20.18 -12.82
N ARG B 134 8.44 -20.29 -14.06
CA ARG B 134 7.75 -21.08 -15.08
C ARG B 134 7.68 -22.56 -14.67
N ARG B 135 8.78 -23.09 -14.15
CA ARG B 135 8.78 -24.50 -13.74
C ARG B 135 7.88 -24.77 -12.53
N LEU B 136 7.45 -23.73 -11.80
CA LEU B 136 6.54 -23.93 -10.67
C LEU B 136 5.07 -23.78 -11.07
N ALA B 137 4.80 -23.24 -12.24
CA ALA B 137 3.45 -22.85 -12.64
C ALA B 137 2.70 -24.00 -13.28
N HIS B 138 1.43 -24.16 -12.87
CA HIS B 138 0.57 -25.11 -13.56
C HIS B 138 0.24 -24.62 -14.96
N PHE B 139 -0.01 -23.33 -15.10
CA PHE B 139 -0.33 -22.71 -16.37
C PHE B 139 0.52 -21.46 -16.50
N THR B 140 0.92 -21.15 -17.73
CA THR B 140 1.73 -19.96 -17.97
C THR B 140 1.16 -19.14 -19.11
N LEU B 141 1.08 -17.83 -18.90
CA LEU B 141 0.74 -16.88 -19.95
C LEU B 141 1.97 -16.07 -20.28
N ASP B 142 2.43 -16.19 -21.52
CA ASP B 142 3.70 -15.61 -21.95
C ASP B 142 3.54 -14.13 -22.29
N THR B 143 4.45 -13.31 -21.78
CA THR B 143 4.46 -11.90 -22.12
C THR B 143 5.75 -11.57 -22.84
N VAL B 144 5.63 -10.94 -24.00
CA VAL B 144 6.78 -10.54 -24.80
C VAL B 144 6.94 -9.05 -24.62
N SER B 145 8.12 -8.63 -24.19
CA SER B 145 8.37 -7.22 -24.02
C SER B 145 8.94 -6.65 -25.30
N GLY B 146 8.79 -5.34 -25.47
CA GLY B 146 9.32 -4.70 -26.67
C GLY B 146 10.36 -3.64 -26.37
N GLU B 147 10.90 -3.64 -25.15
CA GLU B 147 11.54 -2.46 -24.61
C GLU B 147 13.02 -2.40 -24.90
N THR B 148 13.55 -1.20 -24.61
CA THR B 148 15.01 -0.94 -24.56
C THR B 148 15.25 -1.05 -23.06
N GLU B 149 15.94 -2.09 -22.59
CA GLU B 149 15.99 -2.40 -21.17
C GLU B 149 16.52 -1.24 -20.34
N TRP B 150 17.35 -0.39 -20.94
CA TRP B 150 18.04 0.68 -20.18
C TRP B 150 17.27 1.98 -20.21
N ARG B 151 16.13 2.02 -20.88
CA ARG B 151 15.41 3.27 -21.09
C ARG B 151 13.93 3.15 -20.79
N SER B 152 13.30 2.08 -21.29
CA SER B 152 11.85 1.94 -21.25
C SER B 152 11.46 0.66 -20.52
N SER B 153 12.06 0.49 -19.33
CA SER B 153 12.19 -0.81 -18.70
C SER B 153 10.88 -1.33 -18.11
N SER B 154 10.05 -0.44 -17.55
CA SER B 154 8.79 -0.96 -17.02
C SER B 154 7.65 -0.29 -17.77
N MET B 155 7.63 -0.44 -19.10
CA MET B 155 6.66 0.24 -19.94
C MET B 155 5.97 -0.72 -20.88
N SER B 156 6.66 -1.19 -21.95
CA SER B 156 6.01 -2.17 -22.83
C SER B 156 5.85 -3.53 -22.14
N THR B 157 6.74 -3.85 -21.20
CA THR B 157 6.52 -5.04 -20.37
C THR B 157 5.21 -4.92 -19.59
N ARG B 158 5.00 -3.76 -18.97
CA ARG B 158 3.76 -3.56 -18.22
C ARG B 158 2.55 -3.53 -19.14
N THR B 159 2.72 -2.99 -20.36
CA THR B 159 1.62 -3.02 -21.32
C THR B 159 1.29 -4.46 -21.73
N ALA B 160 2.32 -5.27 -21.98
CA ALA B 160 2.12 -6.69 -22.25
C ALA B 160 1.41 -7.39 -21.10
N GLN B 161 1.85 -7.13 -19.86
CA GLN B 161 1.20 -7.74 -18.71
C GLN B 161 -0.24 -7.25 -18.58
N ASN B 162 -0.46 -5.94 -18.76
CA ASN B 162 -1.82 -5.42 -18.68
C ASN B 162 -2.72 -6.07 -19.71
N SER B 163 -2.19 -6.37 -20.90
CA SER B 163 -3.03 -6.96 -21.92
C SER B 163 -3.51 -8.35 -21.50
N VAL B 164 -2.65 -9.09 -20.81
CA VAL B 164 -3.03 -10.43 -20.37
C VAL B 164 -4.07 -10.38 -19.27
N THR B 165 -3.86 -9.50 -18.27
CA THR B 165 -4.83 -9.39 -17.19
C THR B 165 -6.17 -8.84 -17.69
N ASP B 166 -6.14 -7.81 -18.55
CA ASP B 166 -7.38 -7.31 -19.16
C ASP B 166 -8.17 -8.44 -19.81
N LEU B 167 -7.47 -9.28 -20.60
CA LEU B 167 -8.13 -10.38 -21.28
C LEU B 167 -8.72 -11.36 -20.27
N LEU B 168 -7.91 -11.79 -19.30
CA LEU B 168 -8.39 -12.62 -18.20
C LEU B 168 -9.68 -12.07 -17.60
N PHE B 169 -9.70 -10.76 -17.31
CA PHE B 169 -10.88 -10.17 -16.67
C PHE B 169 -12.09 -10.22 -17.60
N VAL B 170 -11.92 -9.82 -18.86
CA VAL B 170 -13.04 -9.82 -19.80
C VAL B 170 -13.57 -11.23 -20.00
N GLY B 171 -12.67 -12.20 -20.19
CA GLY B 171 -13.11 -13.57 -20.33
C GLY B 171 -13.83 -14.07 -19.10
N LEU B 172 -13.47 -13.56 -17.92
CA LEU B 172 -14.17 -13.93 -16.70
C LEU B 172 -15.57 -13.36 -16.69
N VAL B 173 -15.70 -12.04 -16.93
CA VAL B 173 -17.02 -11.42 -17.02
C VAL B 173 -17.87 -12.14 -18.04
N GLN B 174 -17.27 -12.53 -19.17
CA GLN B 174 -18.01 -13.22 -20.22
C GLN B 174 -18.59 -14.54 -19.73
N LEU B 175 -18.01 -15.13 -18.68
CA LEU B 175 -18.65 -16.23 -17.98
C LEU B 175 -19.74 -15.71 -17.04
N ASN B 176 -20.64 -14.87 -17.56
CA ASN B 176 -21.87 -14.52 -16.85
C ASN B 176 -23.00 -15.47 -17.19
N ASP B 177 -22.95 -16.05 -18.40
CA ASP B 177 -23.96 -17.04 -18.83
C ASP B 177 -24.22 -18.02 -17.69
N ILE C 2 -17.22 -4.12 -29.49
CA ILE C 2 -16.87 -5.36 -28.72
C ILE C 2 -18.09 -5.87 -27.95
N THR C 3 -18.44 -7.14 -28.13
CA THR C 3 -19.62 -7.76 -27.55
C THR C 3 -19.26 -9.15 -27.04
N SER C 4 -20.14 -9.71 -26.23
CA SER C 4 -20.04 -11.13 -25.91
C SER C 4 -20.45 -11.93 -27.15
N ASP C 5 -20.62 -13.25 -26.97
CA ASP C 5 -20.80 -14.19 -28.08
C ASP C 5 -19.49 -14.34 -28.85
N ASP C 6 -18.62 -13.34 -28.77
CA ASP C 6 -17.30 -13.42 -29.38
C ASP C 6 -16.45 -14.51 -28.72
N SER C 7 -15.45 -14.95 -29.47
CA SER C 7 -14.45 -15.84 -28.91
C SER C 7 -13.38 -15.03 -28.18
N LEU C 8 -12.55 -15.73 -27.42
CA LEU C 8 -11.47 -15.08 -26.68
C LEU C 8 -10.46 -14.43 -27.61
N GLU C 9 -10.23 -15.03 -28.79
CA GLU C 9 -9.29 -14.45 -29.74
C GLU C 9 -9.82 -13.15 -30.33
N VAL C 10 -11.13 -13.10 -30.64
CA VAL C 10 -11.72 -11.86 -31.12
C VAL C 10 -11.66 -10.79 -30.03
N ILE C 11 -11.85 -11.17 -28.78
CA ILE C 11 -11.78 -10.20 -27.69
C ILE C 11 -10.36 -9.65 -27.59
N ALA C 12 -9.37 -10.54 -27.57
CA ALA C 12 -7.98 -10.12 -27.44
C ALA C 12 -7.62 -9.13 -28.54
N ARG C 13 -7.99 -9.43 -29.79
CA ARG C 13 -7.70 -8.52 -30.89
C ARG C 13 -8.42 -7.20 -30.71
N LYS C 14 -9.71 -7.26 -30.36
CA LYS C 14 -10.47 -6.03 -30.18
C LYS C 14 -9.87 -5.16 -29.07
N LEU C 15 -9.50 -5.78 -27.94
CA LEU C 15 -8.86 -5.02 -26.85
C LEU C 15 -7.53 -4.45 -27.30
N ASN C 16 -6.78 -5.20 -28.10
CA ASN C 16 -5.48 -4.73 -28.57
C ASN C 16 -5.66 -3.53 -29.49
N ARG C 17 -6.64 -3.59 -30.40
CA ARG C 17 -6.86 -2.48 -31.30
C ARG C 17 -7.27 -1.24 -30.52
N GLU C 18 -8.18 -1.40 -29.56
CA GLU C 18 -8.65 -0.23 -28.79
C GLU C 18 -7.49 0.44 -28.05
N LYS C 19 -6.56 -0.34 -27.49
CA LYS C 19 -5.36 0.28 -26.91
C LYS C 19 -4.53 0.95 -27.99
N GLU C 20 -4.40 0.31 -29.13
CA GLU C 20 -3.62 0.88 -30.22
C GLU C 20 -4.17 2.26 -30.60
N LEU C 21 -5.49 2.41 -30.60
CA LEU C 21 -6.06 3.69 -30.98
C LEU C 21 -5.81 4.74 -29.91
N ALA C 22 -5.89 4.33 -28.65
CA ALA C 22 -5.60 5.26 -27.56
C ALA C 22 -4.17 5.76 -27.64
N LEU C 23 -3.21 4.86 -27.88
CA LEU C 23 -1.81 5.27 -28.00
C LEU C 23 -1.63 6.28 -29.11
N GLU C 24 -2.24 6.03 -30.27
CA GLU C 24 -1.98 6.84 -31.46
C GLU C 24 -2.74 8.16 -31.42
N GLN C 25 -4.01 8.15 -31.01
CA GLN C 25 -4.75 9.41 -30.93
C GLN C 25 -4.22 10.32 -29.82
N THR C 26 -3.63 9.75 -28.78
CA THR C 26 -3.01 10.56 -27.71
C THR C 26 -1.72 11.20 -28.22
N CYS C 27 -0.84 10.41 -28.86
CA CYS C 27 0.40 10.96 -29.40
C CYS C 27 0.14 11.97 -30.50
N ALA C 28 -1.00 11.84 -31.19
CA ALA C 28 -1.32 12.73 -32.31
C ALA C 28 -1.52 14.17 -31.88
N LEU C 29 -1.87 14.42 -30.62
CA LEU C 29 -2.11 15.78 -30.13
C LEU C 29 -0.92 16.36 -29.39
N LEU C 30 0.20 15.64 -29.31
CA LEU C 30 1.34 16.14 -28.56
C LEU C 30 1.86 17.43 -29.19
N ASP C 31 2.17 18.39 -28.34
CA ASP C 31 2.82 19.65 -28.72
C ASP C 31 4.24 19.57 -28.18
N TYR C 32 5.20 19.28 -29.07
CA TYR C 32 6.54 18.92 -28.61
C TYR C 32 7.28 20.11 -28.03
N ALA C 33 7.01 21.31 -28.52
CA ALA C 33 7.55 22.50 -27.86
C ALA C 33 6.96 22.65 -26.47
N ARG C 34 5.65 22.44 -26.34
CA ARG C 34 5.00 22.50 -25.02
C ARG C 34 5.53 21.41 -24.10
N LEU C 35 5.60 20.17 -24.60
CA LEU C 35 6.03 19.04 -23.80
C LEU C 35 7.45 19.23 -23.26
N GLN C 36 8.32 19.81 -24.08
CA GLN C 36 9.68 20.14 -23.66
C GLN C 36 9.69 21.12 -22.48
N LYS C 37 8.79 22.08 -22.50
CA LYS C 37 8.74 23.05 -21.39
C LYS C 37 8.25 22.32 -20.15
N ILE C 38 7.32 21.41 -20.34
CA ILE C 38 6.77 20.66 -19.22
C ILE C 38 7.85 19.80 -18.57
N ILE C 39 8.63 19.11 -19.39
CA ILE C 39 9.72 18.30 -18.86
C ILE C 39 10.72 19.17 -18.11
N GLU C 40 11.02 20.35 -18.65
CA GLU C 40 11.94 21.24 -17.95
C GLU C 40 11.40 21.60 -16.57
N VAL C 41 10.11 21.90 -16.48
CA VAL C 41 9.50 22.27 -15.20
C VAL C 41 9.59 21.12 -14.22
N ILE C 42 9.17 19.93 -14.65
CA ILE C 42 9.31 18.74 -13.83
C ILE C 42 10.77 18.54 -13.41
N SER C 43 11.69 18.80 -14.34
CA SER C 43 13.10 18.53 -14.09
C SER C 43 13.65 19.39 -12.95
N LYS C 44 13.16 20.61 -12.82
CA LYS C 44 13.64 21.58 -11.83
C LYS C 44 12.85 21.53 -10.53
N ALA C 45 11.76 20.78 -10.48
CA ALA C 45 10.89 20.78 -9.32
C ALA C 45 11.65 20.30 -8.09
N PRO C 46 11.63 21.05 -6.98
CA PRO C 46 12.17 20.49 -5.73
C PRO C 46 11.35 19.31 -5.24
N PHE C 47 10.04 19.37 -5.44
CA PHE C 47 9.14 18.36 -4.95
C PHE C 47 8.03 18.18 -5.97
N ILE C 48 7.58 16.93 -6.13
CA ILE C 48 6.53 16.60 -7.10
C ILE C 48 5.45 15.79 -6.39
N GLN C 49 4.21 16.26 -6.48
CA GLN C 49 3.05 15.45 -6.09
C GLN C 49 2.33 14.93 -7.33
N ILE C 50 1.94 13.67 -7.31
CA ILE C 50 1.14 13.07 -8.37
C ILE C 50 -0.20 12.64 -7.80
N THR C 51 -1.28 13.28 -8.25
CA THR C 51 -2.63 12.96 -7.81
C THR C 51 -3.36 12.11 -8.84
N GLY C 52 -4.34 11.37 -8.36
CA GLY C 52 -5.15 10.49 -9.18
C GLY C 52 -6.16 9.84 -8.27
N LEU C 53 -7.06 9.06 -8.87
CA LEU C 53 -7.87 8.16 -8.06
C LEU C 53 -8.39 7.04 -8.93
N GLY C 54 -8.71 5.92 -8.29
CA GLY C 54 -9.02 4.71 -9.05
C GLY C 54 -7.81 4.26 -9.84
N GLY C 55 -8.03 3.97 -11.13
CA GLY C 55 -6.95 3.49 -11.96
C GLY C 55 -5.90 4.53 -12.26
N SER C 56 -6.31 5.80 -12.31
CA SER C 56 -5.34 6.88 -12.47
C SER C 56 -4.37 6.95 -11.31
N ALA C 57 -4.78 6.50 -10.12
CA ALA C 57 -3.85 6.47 -9.00
C ALA C 57 -2.77 5.43 -9.23
N LEU C 58 -3.14 4.27 -9.78
CA LEU C 58 -2.13 3.28 -10.14
C LEU C 58 -1.20 3.81 -11.20
N VAL C 59 -1.74 4.56 -12.18
CA VAL C 59 -0.86 5.17 -13.18
C VAL C 59 0.08 6.15 -12.50
N GLY C 60 -0.41 6.90 -11.51
CA GLY C 60 0.46 7.81 -10.78
C GLY C 60 1.55 7.10 -10.00
N ARG C 61 1.19 6.04 -9.27
CA ARG C 61 2.19 5.28 -8.54
C ARG C 61 3.22 4.69 -9.50
N ASP C 62 2.75 4.17 -10.64
CA ASP C 62 3.62 3.61 -11.66
C ASP C 62 4.71 4.61 -12.04
N LEU C 63 4.32 5.87 -12.26
CA LEU C 63 5.30 6.88 -12.61
C LEU C 63 6.15 7.27 -11.41
N SER C 64 5.53 7.40 -10.23
CA SER C 64 6.28 7.84 -9.05
C SER C 64 7.42 6.86 -8.73
N PHE C 65 7.21 5.55 -8.94
CA PHE C 65 8.31 4.59 -8.74
C PHE C 65 9.50 4.93 -9.63
N LYS C 66 9.24 5.28 -10.89
CA LYS C 66 10.35 5.57 -11.80
C LYS C 66 11.08 6.83 -11.35
N LEU C 67 10.34 7.88 -10.97
CA LEU C 67 10.96 9.13 -10.55
C LEU C 67 11.71 8.95 -9.24
N MET C 68 11.18 8.12 -8.34
CA MET C 68 11.84 7.90 -7.06
C MET C 68 13.17 7.17 -7.24
N LYS C 69 13.24 6.26 -8.20
CA LYS C 69 14.48 5.47 -8.44
C LYS C 69 15.62 6.40 -8.85
N ILE C 70 15.30 7.45 -9.59
CA ILE C 70 16.35 8.37 -10.04
C ILE C 70 16.50 9.57 -9.11
N GLY C 71 15.91 9.50 -7.91
CA GLY C 71 16.20 10.51 -6.91
C GLY C 71 15.34 11.75 -6.93
N TYR C 72 14.20 11.73 -7.62
CA TYR C 72 13.28 12.84 -7.50
C TYR C 72 12.37 12.64 -6.28
N ARG C 73 12.13 13.72 -5.55
CA ARG C 73 11.31 13.70 -4.35
C ARG C 73 9.83 13.80 -4.72
N VAL C 74 9.07 12.73 -4.46
CA VAL C 74 7.75 12.54 -5.03
C VAL C 74 6.81 12.02 -3.96
N ALA C 75 5.57 12.53 -3.98
CA ALA C 75 4.49 11.94 -3.21
C ALA C 75 3.38 11.54 -4.17
N CYS C 76 2.80 10.37 -3.92
CA CYS C 76 1.66 9.90 -4.70
C CYS C 76 1.00 8.81 -3.89
N GLU C 77 -0.27 9.02 -3.52
CA GLU C 77 -0.86 8.28 -2.39
C GLU C 77 -2.32 7.96 -2.67
N ALA C 78 -2.67 6.67 -2.65
CA ALA C 78 -4.03 6.26 -2.96
C ALA C 78 -5.05 6.77 -1.95
N ASP C 79 -4.64 6.96 -0.68
CA ASP C 79 -5.65 7.40 0.32
C ASP C 79 -6.13 8.77 -0.08
N THR C 80 -7.44 8.93 -0.11
CA THR C 80 -7.98 10.15 -0.70
C THR C 80 -7.62 11.37 0.13
N HIS C 81 -7.57 11.23 1.45
CA HIS C 81 -7.34 12.41 2.25
C HIS C 81 -5.89 12.58 2.68
N VAL C 82 -5.08 11.52 2.65
CA VAL C 82 -3.64 11.75 2.65
C VAL C 82 -3.26 12.68 1.52
N GLN C 83 -3.70 12.34 0.30
CA GLN C 83 -3.34 13.09 -0.89
C GLN C 83 -3.77 14.55 -0.78
N ALA C 84 -4.83 14.82 -0.01
CA ALA C 84 -5.31 16.19 0.17
C ALA C 84 -4.43 16.96 1.14
N THR C 85 -3.96 16.30 2.22
CA THR C 85 -3.02 16.95 3.14
C THR C 85 -1.72 17.33 2.42
N VAL C 86 -1.30 16.53 1.44
CA VAL C 86 -0.01 16.80 0.79
C VAL C 86 -0.13 18.00 -0.16
N SER C 87 -1.22 18.08 -0.93
CA SER C 87 -1.45 19.24 -1.80
C SER C 87 -1.45 20.54 -1.00
N GLN C 88 -2.21 20.57 0.10
CA GLN C 88 -2.30 21.79 0.90
C GLN C 88 -0.96 22.18 1.50
N ALA C 89 -0.11 21.20 1.77
CA ALA C 89 1.23 21.43 2.31
C ALA C 89 2.26 21.74 1.23
N LEU C 90 1.88 21.75 -0.03
CA LEU C 90 2.80 22.15 -1.09
C LEU C 90 3.21 23.62 -0.92
N LYS C 91 4.37 23.96 -1.48
CA LYS C 91 4.89 25.31 -1.43
C LYS C 91 5.21 25.80 -2.85
N LYS C 92 5.48 27.11 -2.96
CA LYS C 92 5.73 27.72 -4.25
C LYS C 92 6.98 27.13 -4.90
N GLY C 93 6.87 26.80 -6.19
CA GLY C 93 7.95 26.19 -6.92
C GLY C 93 7.83 24.68 -7.05
N ASP C 94 7.08 24.03 -6.17
CA ASP C 94 6.83 22.61 -6.32
C ASP C 94 5.87 22.37 -7.49
N VAL C 95 5.75 21.11 -7.91
CA VAL C 95 4.98 20.72 -9.08
C VAL C 95 3.99 19.62 -8.72
N GLN C 96 2.75 19.75 -9.17
CA GLN C 96 1.75 18.71 -9.04
C GLN C 96 1.39 18.18 -10.42
N ILE C 97 1.35 16.86 -10.55
CA ILE C 97 0.93 16.20 -11.78
C ILE C 97 -0.40 15.55 -11.49
N ALA C 98 -1.49 16.08 -12.07
CA ALA C 98 -2.84 15.63 -11.76
C ALA C 98 -3.37 14.81 -12.91
N ILE C 99 -3.65 13.53 -12.66
CA ILE C 99 -4.06 12.57 -13.68
C ILE C 99 -5.51 12.19 -13.40
N SER C 100 -6.42 12.66 -14.26
CA SER C 100 -7.82 12.25 -14.25
C SER C 100 -8.34 12.39 -15.67
N TYR C 101 -9.03 11.36 -16.16
CA TYR C 101 -9.58 11.47 -17.51
C TYR C 101 -10.71 12.51 -17.55
N SER C 102 -11.61 12.49 -16.58
CA SER C 102 -12.74 13.39 -16.62
C SER C 102 -12.31 14.85 -16.43
N GLY C 103 -11.58 15.14 -15.36
CA GLY C 103 -11.28 16.51 -15.04
C GLY C 103 -12.32 17.18 -14.15
N SER C 104 -13.38 16.47 -13.78
CA SER C 104 -14.41 16.99 -12.89
C SER C 104 -14.58 16.18 -11.61
N LYS C 105 -13.68 15.22 -11.38
CA LYS C 105 -13.72 14.42 -10.13
C LYS C 105 -13.42 15.37 -8.98
N LYS C 106 -14.24 15.34 -7.92
CA LYS C 106 -14.13 16.37 -6.89
C LYS C 106 -12.73 16.42 -6.29
N GLU C 107 -12.17 15.26 -5.91
CA GLU C 107 -10.92 15.24 -5.17
C GLU C 107 -9.77 15.79 -6.01
N ILE C 108 -9.67 15.35 -7.27
CA ILE C 108 -8.63 15.88 -8.14
C ILE C 108 -8.80 17.38 -8.33
N VAL C 109 -10.05 17.85 -8.41
CA VAL C 109 -10.25 19.28 -8.60
C VAL C 109 -9.78 20.04 -7.36
N LEU C 110 -10.13 19.56 -6.17
CA LEU C 110 -9.76 20.28 -4.94
C LEU C 110 -8.26 20.23 -4.68
N CYS C 111 -7.62 19.07 -4.89
CA CYS C 111 -6.16 19.01 -4.79
C CYS C 111 -5.49 19.99 -5.73
N ALA C 112 -6.03 20.14 -6.95
CA ALA C 112 -5.45 21.06 -7.92
C ALA C 112 -5.72 22.50 -7.52
N GLU C 113 -6.93 22.79 -7.01
CA GLU C 113 -7.18 24.09 -6.40
C GLU C 113 -6.15 24.37 -5.32
N ALA C 114 -6.05 23.49 -4.33
CA ALA C 114 -5.14 23.69 -3.21
C ALA C 114 -3.70 23.89 -3.70
N ALA C 115 -3.32 23.20 -4.77
CA ALA C 115 -1.94 23.31 -5.24
C ALA C 115 -1.68 24.66 -5.88
N ARG C 116 -2.65 25.22 -6.61
CA ARG C 116 -2.43 26.58 -7.07
C ARG C 116 -2.71 27.61 -5.99
N LYS C 117 -3.49 27.24 -4.96
CA LYS C 117 -3.58 28.09 -3.77
C LYS C 117 -2.23 28.22 -3.10
N GLN C 118 -1.44 27.16 -3.11
CA GLN C 118 -0.11 27.14 -2.49
C GLN C 118 1.00 27.63 -3.41
N GLY C 119 0.70 28.01 -4.63
CA GLY C 119 1.73 28.50 -5.54
C GLY C 119 2.55 27.46 -6.23
N ALA C 120 2.03 26.24 -6.40
CA ALA C 120 2.71 25.22 -7.18
C ALA C 120 2.31 25.31 -8.65
N THR C 121 3.13 24.69 -9.51
CA THR C 121 2.77 24.50 -10.90
C THR C 121 1.92 23.25 -11.04
N VAL C 122 0.84 23.34 -11.80
CA VAL C 122 -0.07 22.21 -12.00
C VAL C 122 0.05 21.74 -13.46
N ILE C 123 0.37 20.46 -13.61
CA ILE C 123 0.37 19.78 -14.91
C ILE C 123 -0.77 18.79 -14.90
N ALA C 124 -1.67 18.88 -15.88
CA ALA C 124 -2.84 18.02 -15.91
C ALA C 124 -2.75 17.05 -17.08
N ILE C 125 -2.98 15.77 -16.78
CA ILE C 125 -3.03 14.73 -17.79
C ILE C 125 -4.48 14.29 -17.87
N THR C 126 -5.22 14.81 -18.85
CA THR C 126 -6.68 14.72 -18.82
C THR C 126 -7.23 14.72 -20.25
N SER C 127 -8.51 14.40 -20.37
CA SER C 127 -9.16 14.32 -21.67
C SER C 127 -9.41 15.71 -22.23
N LEU C 128 -9.71 15.76 -23.54
CA LEU C 128 -9.89 17.03 -24.22
C LEU C 128 -11.14 17.77 -23.76
N THR C 129 -12.05 17.12 -23.05
CA THR C 129 -13.18 17.79 -22.41
C THR C 129 -12.72 19.05 -21.69
N ASP C 130 -13.35 20.17 -21.99
CA ASP C 130 -13.13 21.36 -21.18
C ASP C 130 -13.63 21.07 -19.77
N SER C 131 -12.77 21.26 -18.79
CA SER C 131 -12.99 20.74 -17.44
C SER C 131 -12.46 21.73 -16.42
N PRO C 132 -12.97 21.70 -15.19
CA PRO C 132 -12.35 22.50 -14.12
C PRO C 132 -10.88 22.20 -13.93
N LEU C 133 -10.47 20.95 -14.12
CA LEU C 133 -9.05 20.62 -14.04
C LEU C 133 -8.27 21.34 -15.15
N ARG C 134 -8.76 21.27 -16.38
CA ARG C 134 -8.08 21.94 -17.49
C ARG C 134 -8.00 23.44 -17.27
N ARG C 135 -9.00 24.04 -16.61
CA ARG C 135 -8.96 25.47 -16.32
C ARG C 135 -7.93 25.81 -15.25
N LEU C 136 -7.82 24.97 -14.22
CA LEU C 136 -6.88 25.23 -13.10
C LEU C 136 -5.42 24.92 -13.47
N ALA C 137 -5.19 24.19 -14.56
CA ALA C 137 -3.85 23.73 -14.90
C ALA C 137 -2.98 24.82 -15.50
N HIS C 138 -1.69 24.84 -15.12
CA HIS C 138 -0.71 25.63 -15.86
C HIS C 138 -0.43 25.01 -17.23
N PHE C 139 -0.43 23.68 -17.30
CA PHE C 139 -0.12 22.93 -18.51
C PHE C 139 -1.04 21.73 -18.56
N THR C 140 -1.50 21.40 -19.76
CA THR C 140 -2.24 20.17 -19.96
C THR C 140 -1.62 19.33 -21.06
N LEU C 141 -1.49 18.04 -20.79
CA LEU C 141 -1.24 17.02 -21.79
C LEU C 141 -2.53 16.23 -21.95
N ASP C 142 -3.01 16.13 -23.17
CA ASP C 142 -4.31 15.57 -23.43
C ASP C 142 -4.19 14.06 -23.61
N THR C 143 -5.23 13.38 -23.19
CA THR C 143 -5.29 11.92 -23.35
C THR C 143 -6.57 11.60 -24.10
N VAL C 144 -6.47 10.79 -25.15
CA VAL C 144 -7.65 10.34 -25.88
C VAL C 144 -7.77 8.83 -25.77
N SER C 145 -8.96 8.36 -25.46
CA SER C 145 -9.19 6.95 -25.17
C SER C 145 -10.19 6.34 -26.15
N SER C 153 -12.41 0.14 -22.07
CA SER C 153 -12.23 1.60 -22.23
C SER C 153 -11.54 2.14 -21.00
N SER C 154 -11.92 1.64 -19.82
CA SER C 154 -11.09 2.01 -18.67
C SER C 154 -9.69 1.44 -18.85
N MET C 155 -9.58 0.37 -19.63
CA MET C 155 -8.28 -0.15 -20.07
C MET C 155 -7.62 0.79 -21.07
N SER C 156 -8.37 1.25 -22.08
CA SER C 156 -7.79 2.17 -23.06
C SER C 156 -7.36 3.46 -22.37
N THR C 157 -8.10 3.85 -21.35
CA THR C 157 -7.82 5.13 -20.66
C THR C 157 -6.50 5.02 -19.91
N ARG C 158 -6.32 3.93 -19.17
CA ARG C 158 -5.05 3.74 -18.49
C ARG C 158 -3.91 3.65 -19.50
N THR C 159 -4.17 3.01 -20.64
CA THR C 159 -3.18 2.93 -21.70
C THR C 159 -2.77 4.31 -22.18
N ALA C 160 -3.75 5.17 -22.44
CA ALA C 160 -3.46 6.53 -22.86
C ALA C 160 -2.70 7.31 -21.79
N GLN C 161 -3.12 7.18 -20.52
CA GLN C 161 -2.42 7.89 -19.45
C GLN C 161 -0.96 7.44 -19.36
N ASN C 162 -0.74 6.12 -19.41
CA ASN C 162 0.63 5.60 -19.31
C ASN C 162 1.51 6.08 -20.45
N SER C 163 0.96 6.30 -21.65
CA SER C 163 1.80 6.76 -22.74
C SER C 163 2.33 8.16 -22.47
N VAL C 164 1.56 8.98 -21.77
CA VAL C 164 2.03 10.35 -21.43
C VAL C 164 3.09 10.24 -20.35
N THR C 165 2.81 9.48 -19.30
CA THR C 165 3.77 9.43 -18.21
C THR C 165 5.06 8.75 -18.65
N ASP C 166 4.96 7.66 -19.40
CA ASP C 166 6.17 7.01 -19.90
C ASP C 166 6.99 7.98 -20.75
N LEU C 167 6.34 8.75 -21.61
CA LEU C 167 7.07 9.69 -22.46
C LEU C 167 7.71 10.79 -21.62
N LEU C 168 6.97 11.34 -20.65
CA LEU C 168 7.55 12.33 -19.75
C LEU C 168 8.79 11.78 -19.08
N PHE C 169 8.74 10.53 -18.65
CA PHE C 169 9.88 10.00 -17.91
C PHE C 169 11.10 9.85 -18.81
N VAL C 170 10.93 9.20 -19.97
CA VAL C 170 12.09 8.98 -20.84
C VAL C 170 12.62 10.32 -21.34
N GLY C 171 11.71 11.25 -21.63
CA GLY C 171 12.14 12.62 -21.93
C GLY C 171 12.89 13.27 -20.79
N LEU C 172 12.42 13.08 -19.55
CA LEU C 172 13.15 13.62 -18.41
C LEU C 172 14.56 13.06 -18.34
N VAL C 173 14.71 11.74 -18.42
CA VAL C 173 16.04 11.13 -18.40
C VAL C 173 16.89 11.68 -19.53
N GLN C 174 16.27 11.88 -20.70
CA GLN C 174 17.03 12.35 -21.86
C GLN C 174 17.59 13.74 -21.60
N LEU C 175 16.77 14.65 -21.09
CA LEU C 175 17.25 15.99 -20.79
C LEU C 175 18.30 15.97 -19.68
N ASN C 176 17.99 15.31 -18.57
CA ASN C 176 18.95 15.26 -17.48
C ASN C 176 20.27 14.68 -17.96
N ASP C 177 20.20 13.65 -18.82
CA ASP C 177 21.42 13.08 -19.38
C ASP C 177 22.19 14.11 -20.20
N VAL C 178 21.51 14.98 -20.94
CA VAL C 178 22.23 15.96 -21.77
C VAL C 178 23.02 16.93 -20.90
N GLU C 179 22.50 17.28 -19.71
CA GLU C 179 23.14 18.28 -18.85
C GLU C 179 24.36 17.72 -18.14
N SER C 180 24.15 16.54 -17.53
CA SER C 180 25.23 15.83 -16.79
C SER C 180 26.45 15.76 -17.69
N LEU C 181 26.23 15.68 -19.01
CA LEU C 181 27.34 15.56 -19.99
C LEU C 181 27.72 16.96 -20.45
N SER D 1 -0.58 -22.97 23.36
CA SER D 1 0.88 -22.91 23.37
C SER D 1 1.44 -21.54 23.00
N ILE D 2 0.63 -20.67 22.39
CA ILE D 2 1.02 -19.26 22.28
C ILE D 2 1.11 -18.61 23.66
N THR D 3 0.42 -19.15 24.65
CA THR D 3 0.34 -18.56 25.97
C THR D 3 0.35 -19.67 27.00
N SER D 4 0.99 -19.42 28.14
CA SER D 4 0.92 -20.41 29.21
C SER D 4 -0.33 -20.26 30.08
N ASP D 5 -1.18 -19.27 29.80
CA ASP D 5 -2.37 -19.04 30.60
C ASP D 5 -3.62 -19.61 29.90
N ASP D 6 -4.59 -20.01 30.71
CA ASP D 6 -5.82 -20.63 30.25
C ASP D 6 -6.98 -19.64 30.10
N SER D 7 -6.96 -18.54 30.84
CA SER D 7 -8.12 -17.67 30.99
C SER D 7 -7.94 -16.40 30.18
N LEU D 8 -8.99 -16.00 29.44
CA LEU D 8 -8.90 -14.81 28.60
C LEU D 8 -8.67 -13.56 29.44
N GLU D 9 -9.26 -13.52 30.64
CA GLU D 9 -9.09 -12.36 31.51
C GLU D 9 -7.66 -12.26 32.03
N VAL D 10 -7.07 -13.40 32.43
CA VAL D 10 -5.63 -13.39 32.75
C VAL D 10 -4.82 -12.91 31.56
N ILE D 11 -5.13 -13.44 30.36
CA ILE D 11 -4.35 -13.06 29.17
C ILE D 11 -4.49 -11.56 28.92
N ALA D 12 -5.72 -11.05 28.96
CA ALA D 12 -5.96 -9.63 28.71
C ALA D 12 -5.19 -8.75 29.69
N ARG D 13 -5.17 -9.15 30.97
CA ARG D 13 -4.44 -8.37 31.97
C ARG D 13 -2.94 -8.46 31.76
N LYS D 14 -2.42 -9.66 31.48
CA LYS D 14 -0.99 -9.78 31.25
C LYS D 14 -0.56 -9.01 30.00
N LEU D 15 -1.40 -9.05 28.96
CA LEU D 15 -1.06 -8.35 27.72
C LEU D 15 -1.00 -6.85 27.92
N ASN D 16 -2.00 -6.29 28.64
CA ASN D 16 -2.00 -4.87 28.95
C ASN D 16 -0.83 -4.50 29.86
N ARG D 17 -0.51 -5.36 30.83
CA ARG D 17 0.66 -5.17 31.68
C ARG D 17 1.94 -5.13 30.86
N GLU D 18 2.10 -6.08 29.94
CA GLU D 18 3.28 -6.07 29.08
C GLU D 18 3.40 -4.74 28.34
N LYS D 19 2.27 -4.22 27.86
CA LYS D 19 2.30 -2.96 27.12
C LYS D 19 2.66 -1.78 28.03
N GLU D 20 2.17 -1.83 29.26
CA GLU D 20 2.42 -0.72 30.20
C GLU D 20 3.90 -0.68 30.53
N LEU D 21 4.49 -1.85 30.72
CA LEU D 21 5.92 -1.90 31.00
C LEU D 21 6.77 -1.61 29.77
N ALA D 22 6.33 -2.03 28.58
CA ALA D 22 7.07 -1.62 27.37
C ALA D 22 7.09 -0.10 27.25
N LEU D 23 5.94 0.54 27.47
CA LEU D 23 5.86 2.01 27.39
C LEU D 23 6.80 2.66 28.40
N GLU D 24 6.68 2.24 29.66
CA GLU D 24 7.44 2.90 30.73
C GLU D 24 8.94 2.64 30.60
N GLN D 25 9.35 1.39 30.34
CA GLN D 25 10.77 1.12 30.24
C GLN D 25 11.41 1.78 29.02
N THR D 26 10.70 1.84 27.90
CA THR D 26 11.23 2.57 26.75
C THR D 26 11.37 4.05 27.08
N CYS D 27 10.37 4.60 27.78
CA CYS D 27 10.41 6.00 28.17
C CYS D 27 11.58 6.28 29.10
N ALA D 28 11.82 5.39 30.06
CA ALA D 28 12.92 5.59 31.01
C ALA D 28 14.28 5.58 30.33
N LEU D 29 14.39 4.88 29.19
CA LEU D 29 15.66 4.74 28.50
C LEU D 29 16.00 5.94 27.64
N LEU D 30 15.18 6.98 27.62
CA LEU D 30 15.39 8.08 26.70
C LEU D 30 16.45 9.04 27.24
N ASP D 31 17.42 9.35 26.40
CA ASP D 31 18.35 10.45 26.65
C ASP D 31 17.70 11.69 26.08
N TYR D 32 17.05 12.48 26.94
CA TYR D 32 16.25 13.58 26.44
C TYR D 32 17.10 14.69 25.84
N ALA D 33 18.39 14.74 26.16
CA ALA D 33 19.30 15.62 25.43
C ALA D 33 19.46 15.15 24.00
N ARG D 34 19.75 13.86 23.80
CA ARG D 34 19.83 13.30 22.45
C ARG D 34 18.52 13.50 21.70
N LEU D 35 17.39 13.19 22.34
CA LEU D 35 16.10 13.26 21.66
C LEU D 35 15.86 14.62 21.05
N GLN D 36 16.27 15.69 21.74
CA GLN D 36 16.12 17.01 21.13
C GLN D 36 17.05 17.16 19.93
N LYS D 37 18.27 16.61 20.01
CA LYS D 37 19.15 16.65 18.85
C LYS D 37 18.58 15.86 17.70
N ILE D 38 17.94 14.74 18.02
CA ILE D 38 17.36 13.90 17.01
C ILE D 38 16.17 14.61 16.36
N ILE D 39 15.30 15.19 17.18
CA ILE D 39 14.17 15.95 16.65
C ILE D 39 14.66 17.14 15.84
N GLU D 40 15.75 17.77 16.28
CA GLU D 40 16.34 18.85 15.50
C GLU D 40 16.80 18.39 14.12
N VAL D 41 17.41 17.20 14.04
CA VAL D 41 17.92 16.73 12.76
C VAL D 41 16.78 16.38 11.82
N ILE D 42 15.73 15.73 12.33
CA ILE D 42 14.56 15.45 11.51
C ILE D 42 13.92 16.76 11.03
N SER D 43 13.98 17.79 11.88
CA SER D 43 13.37 19.08 11.52
C SER D 43 14.02 19.71 10.30
N LYS D 44 15.32 19.48 10.09
CA LYS D 44 16.08 20.06 9.00
C LYS D 44 16.10 19.21 7.75
N ALA D 45 15.66 17.98 7.83
CA ALA D 45 15.74 17.05 6.72
C ALA D 45 14.90 17.53 5.55
N PRO D 46 15.51 17.80 4.38
CA PRO D 46 14.67 18.06 3.19
C PRO D 46 13.83 16.87 2.80
N PHE D 47 14.29 15.66 3.08
CA PHE D 47 13.59 14.44 2.70
C PHE D 47 13.73 13.41 3.80
N ILE D 48 12.65 12.67 4.06
CA ILE D 48 12.61 11.67 5.13
C ILE D 48 12.06 10.37 4.56
N GLN D 49 12.89 9.32 4.55
CA GLN D 49 12.41 7.97 4.27
C GLN D 49 12.23 7.22 5.58
N ILE D 50 11.06 6.61 5.75
CA ILE D 50 10.74 5.80 6.92
C ILE D 50 10.64 4.36 6.45
N THR D 51 11.48 3.49 7.00
CA THR D 51 11.55 2.11 6.54
C THR D 51 11.06 1.16 7.63
N GLY D 52 10.55 0.01 7.18
CA GLY D 52 10.00 -0.99 8.06
C GLY D 52 9.48 -2.15 7.24
N LEU D 53 9.02 -3.19 7.95
CA LEU D 53 8.45 -4.37 7.32
C LEU D 53 7.30 -4.87 8.19
N GLY D 54 6.24 -5.35 7.54
CA GLY D 54 5.08 -5.87 8.26
C GLY D 54 4.56 -4.87 9.26
N GLY D 55 4.27 -5.36 10.47
CA GLY D 55 3.68 -4.49 11.49
C GLY D 55 4.46 -3.22 11.73
N SER D 56 5.77 -3.32 11.72
CA SER D 56 6.59 -2.12 11.96
C SER D 56 6.39 -1.13 10.82
N ALA D 57 6.08 -1.60 9.62
CA ALA D 57 5.83 -0.65 8.54
C ALA D 57 4.55 0.15 8.78
N LEU D 58 3.54 -0.47 9.41
CA LEU D 58 2.34 0.30 9.73
C LEU D 58 2.66 1.43 10.70
N VAL D 59 3.52 1.16 11.70
CA VAL D 59 3.95 2.24 12.60
C VAL D 59 4.60 3.35 11.78
N GLY D 60 5.51 2.99 10.87
CA GLY D 60 6.15 4.01 10.04
C GLY D 60 5.18 4.76 9.15
N ARG D 61 4.18 4.05 8.61
CA ARG D 61 3.14 4.72 7.83
C ARG D 61 2.35 5.71 8.70
N ASP D 62 1.90 5.25 9.87
CA ASP D 62 1.21 6.13 10.82
C ASP D 62 2.01 7.39 11.10
N LEU D 63 3.32 7.24 11.32
CA LEU D 63 4.16 8.42 11.51
C LEU D 63 4.24 9.25 10.22
N SER D 64 4.36 8.58 9.08
CA SER D 64 4.61 9.30 7.83
C SER D 64 3.43 10.20 7.50
N PHE D 65 2.22 9.78 7.86
CA PHE D 65 1.05 10.60 7.55
C PHE D 65 0.95 11.79 8.48
N LYS D 66 1.29 11.63 9.76
CA LYS D 66 1.33 12.77 10.65
C LYS D 66 2.38 13.79 10.20
N LEU D 67 3.51 13.31 9.69
CA LEU D 67 4.57 14.21 9.28
C LEU D 67 4.23 14.92 7.98
N MET D 68 3.55 14.23 7.07
CA MET D 68 3.19 14.81 5.76
C MET D 68 2.18 15.93 6.01
N LYS D 69 1.31 15.74 6.99
CA LYS D 69 0.22 16.68 7.23
C LYS D 69 0.73 17.99 7.83
N ILE D 70 1.83 17.95 8.57
CA ILE D 70 2.45 19.19 9.03
C ILE D 70 3.55 19.61 8.06
N GLY D 71 3.51 19.11 6.82
CA GLY D 71 4.26 19.67 5.72
C GLY D 71 5.59 19.06 5.34
N TYR D 72 5.96 17.90 5.89
CA TYR D 72 7.27 17.33 5.60
C TYR D 72 7.22 16.43 4.36
N ARG D 73 8.32 16.40 3.62
CA ARG D 73 8.46 15.53 2.46
C ARG D 73 8.86 14.14 2.93
N VAL D 74 7.97 13.17 2.77
CA VAL D 74 8.14 11.85 3.38
C VAL D 74 7.91 10.76 2.34
N ALA D 75 8.77 9.74 2.40
CA ALA D 75 8.61 8.50 1.66
C ALA D 75 8.43 7.36 2.65
N CYS D 76 7.37 6.59 2.46
CA CYS D 76 7.09 5.43 3.30
C CYS D 76 6.35 4.44 2.42
N GLU D 77 6.91 3.26 2.23
CA GLU D 77 6.52 2.43 1.10
C GLU D 77 6.56 0.96 1.49
N ALA D 78 5.42 0.28 1.33
CA ALA D 78 5.29 -1.11 1.77
C ALA D 78 6.11 -2.05 0.91
N ASP D 79 6.03 -1.88 -0.41
CA ASP D 79 6.81 -2.63 -1.41
C ASP D 79 8.30 -2.56 -1.11
N THR D 80 8.87 -3.68 -0.73
CA THR D 80 10.29 -3.66 -0.32
C THR D 80 11.20 -3.32 -1.51
N HIS D 81 10.82 -3.70 -2.72
CA HIS D 81 11.64 -3.35 -3.87
C HIS D 81 11.68 -1.84 -4.09
N VAL D 82 10.50 -1.20 -4.07
CA VAL D 82 10.45 0.25 -4.21
C VAL D 82 11.19 0.92 -3.07
N GLN D 83 10.91 0.48 -1.84
CA GLN D 83 11.60 1.01 -0.66
C GLN D 83 13.10 0.95 -0.84
N ALA D 84 13.59 -0.19 -1.33
CA ALA D 84 15.02 -0.34 -1.59
C ALA D 84 15.49 0.68 -2.63
N THR D 85 14.70 0.88 -3.71
CA THR D 85 15.12 1.91 -4.67
C THR D 85 15.14 3.29 -4.04
N VAL D 86 14.28 3.56 -3.06
CA VAL D 86 14.34 4.89 -2.42
C VAL D 86 15.60 5.03 -1.59
N SER D 87 15.94 4.00 -0.79
CA SER D 87 17.17 4.07 0.00
C SER D 87 18.39 4.28 -0.88
N GLN D 88 18.42 3.65 -2.05
CA GLN D 88 19.59 3.74 -2.95
C GLN D 88 19.71 5.16 -3.56
N ALA D 89 18.62 5.90 -3.62
CA ALA D 89 18.65 7.27 -4.16
C ALA D 89 18.70 8.37 -3.10
N LEU D 90 18.85 8.03 -1.82
CA LEU D 90 18.95 9.13 -0.86
C LEU D 90 20.21 9.95 -1.14
N LYS D 91 20.23 11.18 -0.67
CA LYS D 91 21.41 12.03 -0.80
C LYS D 91 21.81 12.56 0.58
N LYS D 92 22.96 13.22 0.63
CA LYS D 92 23.45 13.74 1.90
C LYS D 92 22.47 14.76 2.48
N GLY D 93 22.29 14.71 3.80
CA GLY D 93 21.33 15.54 4.47
C GLY D 93 19.94 14.96 4.56
N ASP D 94 19.64 13.93 3.77
CA ASP D 94 18.40 13.19 3.95
C ASP D 94 18.48 12.36 5.24
N VAL D 95 17.31 12.11 5.83
CA VAL D 95 17.20 11.32 7.04
C VAL D 95 16.44 10.04 6.73
N GLN D 96 16.98 8.91 7.15
CA GLN D 96 16.23 7.66 7.15
C GLN D 96 15.87 7.29 8.58
N ILE D 97 14.60 6.98 8.81
CA ILE D 97 14.10 6.50 10.08
C ILE D 97 13.79 5.03 9.87
N ALA D 98 14.66 4.15 10.36
CA ALA D 98 14.51 2.72 10.18
C ALA D 98 13.84 2.13 11.41
N ILE D 99 12.68 1.50 11.22
CA ILE D 99 11.88 0.98 12.31
C ILE D 99 11.94 -0.54 12.24
N SER D 100 12.77 -1.14 13.11
CA SER D 100 12.88 -2.59 13.19
C SER D 100 13.32 -2.96 14.62
N TYR D 101 12.52 -3.77 15.29
CA TYR D 101 12.83 -4.12 16.66
C TYR D 101 14.12 -4.94 16.72
N SER D 102 14.25 -5.95 15.85
CA SER D 102 15.35 -6.91 15.95
C SER D 102 16.69 -6.28 15.55
N GLY D 103 16.68 -5.41 14.55
CA GLY D 103 17.90 -4.84 14.03
C GLY D 103 18.61 -5.71 13.03
N SER D 104 18.07 -6.89 12.72
CA SER D 104 18.76 -7.84 11.89
C SER D 104 17.94 -8.29 10.68
N LYS D 105 16.85 -7.57 10.39
CA LYS D 105 16.02 -7.88 9.19
C LYS D 105 16.78 -7.45 7.94
N LYS D 106 17.05 -8.41 7.07
CA LYS D 106 17.84 -8.17 5.86
C LYS D 106 17.46 -6.86 5.16
N GLU D 107 16.18 -6.71 4.81
CA GLU D 107 15.75 -5.59 3.97
C GLU D 107 15.94 -4.25 4.67
N ILE D 108 15.68 -4.20 5.97
CA ILE D 108 15.94 -2.98 6.73
C ILE D 108 17.43 -2.72 6.85
N VAL D 109 18.23 -3.78 7.07
CA VAL D 109 19.67 -3.60 7.14
C VAL D 109 20.19 -3.07 5.80
N LEU D 110 19.76 -3.67 4.69
CA LEU D 110 20.28 -3.23 3.39
C LEU D 110 19.84 -1.81 3.06
N CYS D 111 18.62 -1.43 3.45
CA CYS D 111 18.20 -0.03 3.28
C CYS D 111 19.05 0.94 4.10
N ALA D 112 19.51 0.53 5.29
CA ALA D 112 20.34 1.42 6.09
C ALA D 112 21.75 1.49 5.53
N GLU D 113 22.27 0.36 5.05
CA GLU D 113 23.55 0.36 4.34
C GLU D 113 23.51 1.29 3.13
N ALA D 114 22.45 1.20 2.33
CA ALA D 114 22.32 2.08 1.17
C ALA D 114 22.25 3.54 1.60
N ALA D 115 21.49 3.83 2.65
CA ALA D 115 21.38 5.20 3.12
C ALA D 115 22.72 5.73 3.59
N ARG D 116 23.48 4.92 4.32
CA ARG D 116 24.78 5.36 4.77
C ARG D 116 25.76 5.47 3.61
N LYS D 117 25.76 4.47 2.72
CA LYS D 117 26.56 4.52 1.50
C LYS D 117 26.42 5.87 0.80
N GLN D 118 25.19 6.33 0.63
CA GLN D 118 24.93 7.59 -0.08
C GLN D 118 25.07 8.82 0.81
N GLY D 119 25.38 8.66 2.10
CA GLY D 119 25.60 9.80 2.96
C GLY D 119 24.38 10.32 3.69
N ALA D 120 23.29 9.54 3.73
CA ALA D 120 22.14 9.91 4.52
C ALA D 120 22.41 9.64 6.01
N THR D 121 21.69 10.36 6.86
CA THR D 121 21.81 10.18 8.31
C THR D 121 20.70 9.26 8.79
N VAL D 122 21.08 8.22 9.51
CA VAL D 122 20.21 7.08 9.82
C VAL D 122 19.88 7.12 11.30
N ILE D 123 18.59 7.22 11.62
CA ILE D 123 18.08 7.12 12.98
C ILE D 123 17.33 5.79 13.09
N ALA D 124 17.77 4.93 14.00
CA ALA D 124 17.15 3.62 14.19
C ALA D 124 16.24 3.64 15.41
N ILE D 125 15.05 3.10 15.25
CA ILE D 125 14.09 2.85 16.33
C ILE D 125 14.11 1.34 16.50
N THR D 126 14.86 0.84 17.49
CA THR D 126 15.21 -0.58 17.57
C THR D 126 15.53 -0.97 19.00
N SER D 127 15.59 -2.29 19.24
CA SER D 127 15.89 -2.81 20.56
C SER D 127 17.37 -2.61 20.92
N LEU D 128 17.69 -2.99 22.16
CA LEU D 128 19.02 -2.73 22.72
C LEU D 128 20.08 -3.66 22.17
N THR D 129 19.69 -4.82 21.67
CA THR D 129 20.64 -5.80 21.15
C THR D 129 21.63 -5.16 20.19
N ASP D 130 22.88 -5.61 20.27
CA ASP D 130 23.91 -5.23 19.30
C ASP D 130 23.54 -5.84 17.96
N SER D 131 23.17 -5.00 17.01
CA SER D 131 22.59 -5.46 15.75
C SER D 131 23.32 -4.79 14.60
N PRO D 132 23.27 -5.39 13.41
CA PRO D 132 23.79 -4.67 12.24
C PRO D 132 23.12 -3.31 12.08
N LEU D 133 21.82 -3.21 12.38
CA LEU D 133 21.14 -1.92 12.24
C LEU D 133 21.63 -0.91 13.27
N ARG D 134 21.87 -1.34 14.51
CA ARG D 134 22.36 -0.40 15.52
C ARG D 134 23.78 0.06 15.21
N ARG D 135 24.64 -0.84 14.75
CA ARG D 135 25.99 -0.42 14.40
C ARG D 135 26.00 0.54 13.21
N LEU D 136 24.95 0.55 12.37
CA LEU D 136 24.90 1.44 11.21
C LEU D 136 24.29 2.82 11.51
N ALA D 137 23.58 2.97 12.63
CA ALA D 137 22.80 4.17 12.88
C ALA D 137 23.67 5.31 13.39
N HIS D 138 23.33 6.55 12.96
CA HIS D 138 23.97 7.71 13.59
C HIS D 138 23.35 7.99 14.95
N PHE D 139 22.05 7.78 15.08
CA PHE D 139 21.32 7.99 16.32
C PHE D 139 20.40 6.79 16.52
N THR D 140 20.13 6.48 17.77
CA THR D 140 19.29 5.34 18.12
C THR D 140 18.23 5.78 19.12
N LEU D 141 17.02 5.26 18.94
CA LEU D 141 15.95 5.38 19.93
C LEU D 141 15.53 3.98 20.34
N ASP D 142 15.77 3.63 21.60
CA ASP D 142 15.62 2.27 22.09
C ASP D 142 14.16 1.92 22.37
N THR D 143 13.71 0.82 21.81
CA THR D 143 12.40 0.25 22.10
C THR D 143 12.60 -1.08 22.82
N VAL D 144 12.20 -1.15 24.09
CA VAL D 144 12.34 -2.38 24.85
C VAL D 144 10.95 -2.85 25.25
N SER D 145 10.90 -4.08 25.75
CA SER D 145 9.65 -4.72 26.09
C SER D 145 9.49 -4.72 27.61
N GLY D 146 8.38 -5.30 28.08
CA GLY D 146 8.12 -5.47 29.50
C GLY D 146 8.75 -6.73 30.05
N GLU D 147 8.37 -7.04 31.29
CA GLU D 147 8.91 -8.21 31.99
C GLU D 147 8.23 -9.52 31.60
N THR D 148 7.02 -9.45 31.05
CA THR D 148 6.11 -10.58 31.00
C THR D 148 6.52 -11.58 29.91
N GLU D 149 5.80 -12.70 29.89
CA GLU D 149 5.91 -13.73 28.89
C GLU D 149 5.48 -13.26 27.51
N TRP D 150 5.05 -12.00 27.37
CA TRP D 150 4.64 -11.42 26.11
C TRP D 150 5.69 -10.50 25.52
N ARG D 151 6.84 -10.35 26.18
CA ARG D 151 7.93 -9.55 25.63
C ARG D 151 8.29 -10.02 24.24
N SER D 152 8.73 -9.07 23.41
CA SER D 152 9.18 -9.26 22.03
C SER D 152 8.07 -9.71 21.09
N SER D 153 6.86 -9.95 21.59
CA SER D 153 5.74 -10.15 20.67
C SER D 153 5.53 -8.89 19.83
N SER D 154 4.95 -9.08 18.63
CA SER D 154 4.69 -7.93 17.77
C SER D 154 3.73 -6.92 18.43
N MET D 155 2.79 -7.41 19.24
CA MET D 155 1.90 -6.52 20.01
C MET D 155 2.73 -5.65 20.97
N SER D 156 3.64 -6.24 21.74
CA SER D 156 4.45 -5.43 22.66
C SER D 156 5.39 -4.51 21.89
N THR D 157 6.03 -5.07 20.87
CA THR D 157 6.99 -4.32 20.05
C THR D 157 6.33 -3.14 19.33
N ARG D 158 5.14 -3.35 18.75
CA ARG D 158 4.46 -2.21 18.12
C ARG D 158 4.17 -1.13 19.15
N THR D 159 3.80 -1.51 20.37
CA THR D 159 3.46 -0.52 21.40
C THR D 159 4.66 0.35 21.74
N ALA D 160 5.84 -0.27 21.96
CA ALA D 160 7.05 0.50 22.25
C ALA D 160 7.42 1.44 21.10
N GLN D 161 7.33 0.94 19.86
CA GLN D 161 7.64 1.77 18.68
C GLN D 161 6.69 2.96 18.58
N ASN D 162 5.38 2.71 18.71
CA ASN D 162 4.39 3.77 18.66
C ASN D 162 4.65 4.87 19.70
N SER D 163 5.08 4.49 20.90
CA SER D 163 5.34 5.52 21.92
C SER D 163 6.48 6.42 21.50
N VAL D 164 7.50 5.84 20.86
CA VAL D 164 8.62 6.61 20.34
C VAL D 164 8.17 7.49 19.17
N THR D 165 7.46 6.93 18.20
CA THR D 165 6.99 7.76 17.09
C THR D 165 6.01 8.83 17.55
N ASP D 166 5.06 8.48 18.43
CA ASP D 166 4.17 9.50 18.98
C ASP D 166 4.97 10.63 19.62
N LEU D 167 6.04 10.29 20.34
CA LEU D 167 6.80 11.35 20.99
C LEU D 167 7.51 12.23 19.98
N LEU D 168 8.10 11.62 18.95
CA LEU D 168 8.82 12.40 17.94
C LEU D 168 7.89 13.36 17.23
N PHE D 169 6.68 12.90 16.93
CA PHE D 169 5.69 13.75 16.29
C PHE D 169 5.34 14.94 17.16
N VAL D 170 5.06 14.70 18.45
CA VAL D 170 4.63 15.78 19.35
C VAL D 170 5.76 16.79 19.54
N GLY D 171 6.99 16.30 19.73
CA GLY D 171 8.12 17.20 19.83
C GLY D 171 8.34 18.04 18.59
N LEU D 172 7.91 17.54 17.44
CA LEU D 172 8.06 18.30 16.21
C LEU D 172 6.97 19.34 16.06
N VAL D 173 5.73 18.98 16.40
CA VAL D 173 4.65 19.97 16.43
C VAL D 173 5.02 21.13 17.33
N GLN D 174 5.85 20.89 18.35
CA GLN D 174 6.17 21.92 19.33
C GLN D 174 7.10 22.97 18.75
N LEU D 175 8.13 22.54 18.01
CA LEU D 175 8.89 23.48 17.20
C LEU D 175 7.99 24.18 16.20
N ASN D 176 7.35 23.39 15.35
CA ASN D 176 6.54 23.90 14.26
C ASN D 176 5.14 24.25 14.75
N ASP D 177 5.09 25.04 15.83
CA ASP D 177 3.80 25.58 16.34
C ASP D 177 4.05 27.07 16.60
#